data_1QCN
#
_entry.id   1QCN
#
_cell.length_a   64.321
_cell.length_b   110.343
_cell.length_c   67.533
_cell.angle_alpha   90.00
_cell.angle_beta   102.38
_cell.angle_gamma   90.00
#
_symmetry.space_group_name_H-M   'P 1 21 1'
#
loop_
_entity.id
_entity.type
_entity.pdbx_description
1 polymer 'FUMARYLACETOACETATE HYDROLASE'
2 non-polymer 'CALCIUM ION'
3 non-polymer 'ACETATE ION'
4 non-polymer 'NICKEL (II) ION'
5 water water
#
_entity_poly.entity_id   1
_entity_poly.type   'polypeptide(L)'
_entity_poly.pdbx_seq_one_letter_code
;GS(MSE)SFIPVAEDSDFPIQNLPYGVFSTQSNPKPRIGVAIGDQILDLSVIKHLFTGPALSKHQHVFDETTLNNF
(MSE)GLGQAAWKEARASLQNLLSASQARLRDDKELRQRAFTSQASAT(MSE)HLPATIGDYTDFYSSRQHATNVGI
(MSE)FRGKENALLPNWLHLPVGYHGRASSIVVSGTPIRRP(MSE)GQ(MSE)RPDNSKPPVYGACRLLD(MSE)ELE
(MSE)AFFVGPGNRFGEPIPISKAHEHIFG(MSE)VL(MSE)NDWSARDIQQWEYVPLGPFLGKSFGTTISPWVVP
(MSE)DAL(MSE)PFVVPNPKQDPKPLPYLCHSQPYTFDINLSVSLKGEG(MSE)SQAATICRSNFKH(MSE)YWT
(MSE)LQQLTHHSVNGCNLRPGDLLASGTISGSDPESFGS(MSE)LELSWKGTKAIDVGQGQTRTFLLDGDEVIITGHCQ
GDGYRVGFGQCAGKVLPALSPA
;
_entity_poly.pdbx_strand_id   A,B
#
loop_
_chem_comp.id
_chem_comp.type
_chem_comp.name
_chem_comp.formula
ACT non-polymer 'ACETATE ION' 'C2 H3 O2 -1'
CA non-polymer 'CALCIUM ION' 'Ca 2'
NI non-polymer 'NICKEL (II) ION' 'Ni 2'
#
# COMPACT_ATOMS: atom_id res chain seq x y z
N MSE A 3 27.38 17.90 28.75
CA MSE A 3 26.70 17.36 27.54
C MSE A 3 25.17 17.45 27.67
O MSE A 3 24.54 18.13 26.87
CB MSE A 3 27.11 15.89 27.29
N SER A 4 24.59 16.78 28.65
CA SER A 4 23.13 16.81 28.84
C SER A 4 22.73 16.91 30.30
N PHE A 5 21.80 17.81 30.62
CA PHE A 5 21.34 17.95 32.00
C PHE A 5 20.46 16.79 32.45
N ILE A 6 19.93 16.03 31.51
CA ILE A 6 19.13 14.84 31.84
C ILE A 6 20.17 13.72 32.04
N PRO A 7 20.07 12.97 33.15
CA PRO A 7 20.99 11.87 33.46
C PRO A 7 20.92 10.78 32.41
N VAL A 8 22.05 10.41 31.85
CA VAL A 8 22.07 9.36 30.85
C VAL A 8 23.06 8.27 31.22
N ALA A 9 22.54 7.07 31.47
CA ALA A 9 23.38 5.94 31.83
C ALA A 9 24.22 5.63 30.60
N GLU A 10 25.48 5.30 30.82
CA GLU A 10 26.45 5.01 29.75
C GLU A 10 25.98 4.02 28.71
N ASP A 11 25.32 2.96 29.15
CA ASP A 11 24.84 1.92 28.25
C ASP A 11 23.45 2.24 27.68
N SER A 12 22.98 3.47 27.89
CA SER A 12 21.66 3.87 27.42
C SER A 12 21.59 3.93 25.91
N ASP A 13 20.44 3.56 25.38
CA ASP A 13 20.17 3.60 23.94
C ASP A 13 19.93 5.05 23.54
N PHE A 14 19.59 5.88 24.52
CA PHE A 14 19.23 7.26 24.25
C PHE A 14 20.08 8.40 24.82
N PRO A 15 21.36 8.49 24.41
CA PRO A 15 22.23 9.57 24.91
C PRO A 15 21.89 10.81 24.09
N ILE A 16 22.57 11.91 24.35
CA ILE A 16 22.30 13.13 23.59
C ILE A 16 22.74 13.00 22.11
N GLN A 17 23.58 11.99 21.82
CA GLN A 17 24.02 11.77 20.45
C GLN A 17 22.99 11.04 19.60
N ASN A 18 21.91 10.55 20.21
CA ASN A 18 20.87 9.85 19.48
C ASN A 18 19.70 10.77 19.16
N LEU A 19 18.83 10.98 20.16
CA LEU A 19 17.65 11.83 20.04
C LEU A 19 16.66 11.40 18.95
N PRO A 20 16.03 10.22 19.11
CA PRO A 20 15.08 9.72 18.12
C PRO A 20 13.69 10.35 18.32
N TYR A 21 12.89 10.33 17.26
CA TYR A 21 11.55 10.90 17.28
C TYR A 21 10.50 9.78 17.35
N GLY A 22 9.45 9.98 18.13
CA GLY A 22 8.42 8.97 18.24
C GLY A 22 7.08 9.56 18.66
N VAL A 23 6.04 8.74 18.61
CA VAL A 23 4.70 9.16 19.00
C VAL A 23 4.33 8.39 20.27
N PHE A 24 3.90 9.11 21.30
CA PHE A 24 3.55 8.50 22.57
C PHE A 24 2.30 9.11 23.17
N SER A 25 1.77 8.45 24.19
CA SER A 25 0.60 8.93 24.93
C SER A 25 0.84 8.46 26.37
N THR A 26 0.07 8.99 27.31
CA THR A 26 0.22 8.63 28.72
C THR A 26 -1.17 8.43 29.34
N GLN A 27 -1.20 8.01 30.60
CA GLN A 27 -2.47 7.81 31.30
C GLN A 27 -3.18 9.16 31.49
N SER A 28 -2.41 10.20 31.81
CA SER A 28 -2.97 11.52 32.02
C SER A 28 -3.46 12.17 30.73
N ASN A 29 -2.90 11.76 29.61
CA ASN A 29 -3.28 12.34 28.31
C ASN A 29 -3.18 11.28 27.21
N PRO A 30 -4.32 10.70 26.80
CA PRO A 30 -4.40 9.67 25.76
C PRO A 30 -4.11 10.14 24.34
N LYS A 31 -4.02 11.45 24.15
CA LYS A 31 -3.75 12.01 22.83
C LYS A 31 -2.33 11.71 22.35
N PRO A 32 -2.19 11.02 21.20
CA PRO A 32 -0.87 10.70 20.66
C PRO A 32 -0.18 12.02 20.28
N ARG A 33 1.06 12.19 20.73
CA ARG A 33 1.81 13.39 20.45
C ARG A 33 3.27 13.03 20.22
N ILE A 34 4.03 13.97 19.68
CA ILE A 34 5.44 13.74 19.36
C ILE A 34 6.39 13.95 20.53
N GLY A 35 7.36 13.04 20.65
CA GLY A 35 8.33 13.13 21.72
C GLY A 35 9.71 12.70 21.25
N VAL A 36 10.71 13.03 22.05
CA VAL A 36 12.10 12.66 21.74
C VAL A 36 12.65 11.93 22.95
N ALA A 37 13.26 10.77 22.73
CA ALA A 37 13.82 9.99 23.83
C ALA A 37 15.18 10.53 24.27
N ILE A 38 15.34 10.69 25.59
CA ILE A 38 16.59 11.16 26.18
C ILE A 38 16.72 10.46 27.54
N GLY A 39 17.80 9.71 27.74
CA GLY A 39 17.97 8.98 28.99
C GLY A 39 16.81 8.01 29.08
N ASP A 40 16.11 7.99 30.21
CA ASP A 40 14.95 7.12 30.34
C ASP A 40 13.66 7.94 30.30
N GLN A 41 13.77 9.18 29.80
CA GLN A 41 12.66 10.13 29.69
C GLN A 41 12.26 10.37 28.25
N ILE A 42 11.16 11.11 28.09
CA ILE A 42 10.64 11.49 26.79
C ILE A 42 10.39 13.00 26.87
N LEU A 43 10.93 13.75 25.92
CA LEU A 43 10.73 15.18 25.86
C LEU A 43 9.54 15.41 24.91
N ASP A 44 8.47 15.95 25.46
CA ASP A 44 7.23 16.22 24.74
C ASP A 44 7.41 17.44 23.82
N LEU A 45 7.48 17.20 22.51
CA LEU A 45 7.69 18.30 21.58
C LEU A 45 6.50 19.23 21.46
N SER A 46 5.29 18.76 21.77
CA SER A 46 4.14 19.65 21.68
C SER A 46 4.19 20.67 22.82
N VAL A 47 4.83 20.30 23.93
CA VAL A 47 4.95 21.19 25.07
C VAL A 47 6.02 22.26 24.83
N ILE A 48 7.11 21.86 24.18
CA ILE A 48 8.20 22.81 23.89
C ILE A 48 8.27 23.28 22.45
N LYS A 49 7.17 23.15 21.70
CA LYS A 49 7.17 23.58 20.29
C LYS A 49 7.60 25.03 20.09
N HIS A 50 7.31 25.88 21.06
CA HIS A 50 7.67 27.29 20.97
C HIS A 50 9.16 27.54 21.15
N LEU A 51 9.92 26.51 21.48
CA LEU A 51 11.36 26.65 21.67
C LEU A 51 12.14 26.51 20.37
N PHE A 52 11.46 26.09 19.31
CA PHE A 52 12.08 25.94 18.00
C PHE A 52 11.86 27.29 17.31
N THR A 53 12.81 28.20 17.52
CA THR A 53 12.73 29.56 17.00
C THR A 53 13.56 29.88 15.75
N GLY A 54 14.20 28.86 15.17
CA GLY A 54 15.01 29.07 14.00
C GLY A 54 14.25 29.45 12.74
N PRO A 55 14.96 29.72 11.63
CA PRO A 55 14.41 30.12 10.33
C PRO A 55 13.51 29.06 9.68
N ALA A 56 13.93 27.81 9.77
CA ALA A 56 13.18 26.71 9.18
C ALA A 56 11.95 26.26 9.94
N LEU A 57 11.94 26.46 11.27
CA LEU A 57 10.83 25.98 12.08
C LEU A 57 9.91 27.00 12.76
N SER A 58 10.35 28.25 12.90
CA SER A 58 9.55 29.27 13.57
C SER A 58 8.14 29.44 13.03
N LYS A 59 7.96 29.22 11.73
CA LYS A 59 6.65 29.35 11.10
C LYS A 59 6.00 27.99 10.91
N HIS A 60 6.61 26.94 11.43
CA HIS A 60 6.09 25.58 11.27
C HIS A 60 6.04 24.78 12.55
N GLN A 61 5.94 25.48 13.68
CA GLN A 61 5.91 24.81 14.97
C GLN A 61 4.72 23.87 15.11
N HIS A 62 3.70 24.09 14.29
CA HIS A 62 2.49 23.27 14.31
C HIS A 62 2.77 21.79 14.05
N VAL A 63 3.85 21.47 13.34
CA VAL A 63 4.17 20.06 13.05
C VAL A 63 4.43 19.24 14.30
N PHE A 64 4.85 19.92 15.37
CA PHE A 64 5.13 19.25 16.64
C PHE A 64 3.86 19.06 17.48
N ASP A 65 2.74 19.54 16.95
CA ASP A 65 1.45 19.44 17.61
C ASP A 65 0.62 18.33 16.99
N GLU A 66 1.15 17.71 15.93
CA GLU A 66 0.43 16.65 15.23
C GLU A 66 0.46 15.31 15.97
N THR A 67 -0.42 14.40 15.57
CA THR A 67 -0.50 13.08 16.20
C THR A 67 0.46 12.09 15.53
N THR A 68 1.05 12.52 14.41
CA THR A 68 1.99 11.68 13.65
C THR A 68 3.17 12.56 13.21
N LEU A 69 4.29 11.93 12.88
CA LEU A 69 5.49 12.65 12.43
C LEU A 69 5.50 13.03 10.95
N ASN A 70 4.48 12.60 10.20
CA ASN A 70 4.41 12.89 8.76
C ASN A 70 4.79 14.31 8.34
N ASN A 71 4.10 15.31 8.87
CA ASN A 71 4.39 16.70 8.51
C ASN A 71 5.84 17.11 8.79
N PHE A 72 6.39 16.69 9.93
CA PHE A 72 7.77 17.01 10.27
C PHE A 72 8.70 16.36 9.25
N MSE A 73 8.42 15.09 8.93
CA MSE A 73 9.21 14.35 7.95
C MSE A 73 9.10 15.09 6.61
O MSE A 73 10.10 15.26 5.91
CB MSE A 73 8.66 12.93 7.79
CG MSE A 73 8.79 12.03 9.03
SE MSE A 73 7.93 10.41 8.85
CE MSE A 73 8.66 9.44 10.26
N GLY A 74 7.90 15.56 6.31
CA GLY A 74 7.65 16.28 5.07
C GLY A 74 8.35 17.62 4.95
N LEU A 75 8.79 18.22 6.05
CA LEU A 75 9.48 19.51 5.99
C LEU A 75 10.85 19.48 5.32
N GLY A 76 11.53 18.35 5.37
CA GLY A 76 12.84 18.27 4.73
C GLY A 76 14.04 18.46 5.65
N GLN A 77 15.22 18.18 5.10
CA GLN A 77 16.48 18.25 5.83
C GLN A 77 16.85 19.53 6.59
N ALA A 78 16.60 20.70 6.01
CA ALA A 78 16.94 21.94 6.69
C ALA A 78 16.14 22.03 7.99
N ALA A 79 14.90 21.55 7.96
CA ALA A 79 14.07 21.58 9.14
C ALA A 79 14.52 20.52 10.14
N TRP A 80 14.92 19.34 9.66
CA TRP A 80 15.38 18.29 10.55
C TRP A 80 16.68 18.68 11.26
N LYS A 81 17.63 19.20 10.49
CA LYS A 81 18.92 19.61 11.05
C LYS A 81 18.78 20.69 12.12
N GLU A 82 17.88 21.65 11.86
CA GLU A 82 17.63 22.73 12.79
C GLU A 82 16.95 22.21 14.06
N ALA A 83 16.01 21.28 13.91
CA ALA A 83 15.32 20.72 15.06
C ALA A 83 16.33 20.01 15.97
N ARG A 84 17.20 19.21 15.36
CA ARG A 84 18.20 18.45 16.09
C ARG A 84 19.14 19.40 16.83
N ALA A 85 19.60 20.44 16.14
CA ALA A 85 20.50 21.42 16.76
C ALA A 85 19.81 22.13 17.93
N SER A 86 18.55 22.52 17.75
CA SER A 86 17.80 23.17 18.83
C SER A 86 17.71 22.23 20.03
N LEU A 87 17.37 20.97 19.76
CA LEU A 87 17.23 19.96 20.82
C LEU A 87 18.54 19.73 21.56
N GLN A 88 19.64 19.65 20.81
CA GLN A 88 20.95 19.45 21.42
C GLN A 88 21.36 20.62 22.30
N ASN A 89 21.08 21.85 21.85
CA ASN A 89 21.43 23.04 22.62
C ASN A 89 20.61 23.14 23.89
N LEU A 90 19.32 22.80 23.80
CA LEU A 90 18.42 22.85 24.95
C LEU A 90 18.76 21.77 25.97
N LEU A 91 19.09 20.57 25.49
CA LEU A 91 19.43 19.48 26.37
C LEU A 91 20.82 19.60 27.01
N SER A 92 21.61 20.58 26.60
CA SER A 92 22.94 20.79 27.15
C SER A 92 23.02 22.07 27.99
N ALA A 93 21.90 22.80 28.04
CA ALA A 93 21.79 24.07 28.78
C ALA A 93 22.49 25.25 28.10
N SER A 94 23.07 25.01 26.91
CA SER A 94 23.74 26.07 26.14
C SER A 94 22.70 27.16 25.90
N GLN A 95 21.45 26.72 25.78
CA GLN A 95 20.29 27.57 25.63
C GLN A 95 19.55 27.05 26.86
N ALA A 96 19.83 27.66 28.00
CA ALA A 96 19.29 27.23 29.30
C ALA A 96 17.80 27.37 29.60
N ARG A 97 17.00 27.71 28.59
CA ARG A 97 15.56 27.89 28.81
C ARG A 97 14.86 26.68 29.42
N LEU A 98 15.08 25.51 28.82
CA LEU A 98 14.43 24.28 29.29
C LEU A 98 14.88 23.79 30.67
N ARG A 99 16.18 23.92 30.93
CA ARG A 99 16.76 23.46 32.19
C ARG A 99 16.28 24.30 33.38
N ASP A 100 16.24 25.61 33.20
CA ASP A 100 15.87 26.52 34.28
C ASP A 100 14.40 26.84 34.45
N ASP A 101 13.61 26.70 33.39
CA ASP A 101 12.18 26.97 33.48
C ASP A 101 11.50 25.77 34.10
N LYS A 102 11.47 25.72 35.43
CA LYS A 102 10.86 24.61 36.18
C LYS A 102 9.42 24.30 35.77
N GLU A 103 8.60 25.32 35.61
CA GLU A 103 7.20 25.14 35.23
C GLU A 103 7.10 24.41 33.89
N LEU A 104 7.91 24.82 32.92
CA LEU A 104 7.91 24.20 31.61
C LEU A 104 8.49 22.80 31.69
N ARG A 105 9.66 22.71 32.31
CA ARG A 105 10.38 21.45 32.47
C ARG A 105 9.53 20.33 33.05
N GLN A 106 8.79 20.63 34.12
CA GLN A 106 7.93 19.62 34.75
C GLN A 106 6.80 19.16 33.84
N ARG A 107 6.46 19.98 32.85
CA ARG A 107 5.39 19.60 31.91
C ARG A 107 5.98 18.95 30.66
N ALA A 108 7.24 19.24 30.36
CA ALA A 108 7.90 18.75 29.17
C ALA A 108 8.39 17.30 29.18
N PHE A 109 8.81 16.81 30.34
CA PHE A 109 9.32 15.44 30.43
C PHE A 109 8.39 14.44 31.08
N THR A 110 8.46 13.20 30.61
CA THR A 110 7.66 12.11 31.15
C THR A 110 8.57 10.88 31.01
N SER A 111 8.36 9.86 31.82
CA SER A 111 9.22 8.68 31.72
C SER A 111 8.78 7.71 30.63
N GLN A 112 9.75 7.13 29.94
CA GLN A 112 9.46 6.16 28.88
C GLN A 112 8.66 4.97 29.42
N ALA A 113 9.03 4.49 30.60
CA ALA A 113 8.38 3.35 31.25
C ALA A 113 6.86 3.40 31.38
N SER A 114 6.31 4.61 31.54
CA SER A 114 4.88 4.73 31.70
C SER A 114 4.16 5.27 30.47
N ALA A 115 4.91 5.45 29.38
CA ALA A 115 4.33 5.96 28.16
C ALA A 115 3.89 4.81 27.25
N THR A 116 2.85 5.05 26.45
CA THR A 116 2.36 4.07 25.49
C THR A 116 2.86 4.58 24.15
N MSE A 117 3.64 3.76 23.44
CA MSE A 117 4.16 4.17 22.15
C MSE A 117 3.19 3.80 21.05
O MSE A 117 2.45 2.82 21.16
CB MSE A 117 5.53 3.53 21.91
CG MSE A 117 6.59 3.84 22.98
SE MSE A 117 6.94 5.61 23.22
CE MSE A 117 7.39 6.09 21.46
N HIS A 118 3.18 4.61 19.99
CA HIS A 118 2.30 4.38 18.84
C HIS A 118 3.15 4.31 17.59
N LEU A 119 2.53 4.06 16.44
CA LEU A 119 3.27 4.04 15.18
C LEU A 119 3.75 5.48 14.99
N PRO A 120 5.00 5.66 14.53
CA PRO A 120 5.61 6.98 14.31
C PRO A 120 4.90 7.85 13.27
N ALA A 121 4.28 7.22 12.29
CA ALA A 121 3.61 7.96 11.23
C ALA A 121 2.49 7.15 10.58
N THR A 122 1.73 7.80 9.72
CA THR A 122 0.68 7.14 8.96
C THR A 122 1.41 6.76 7.67
N ILE A 123 1.68 5.47 7.54
CA ILE A 123 2.41 4.93 6.40
C ILE A 123 1.50 4.76 5.20
N GLY A 124 1.66 5.65 4.23
CA GLY A 124 0.83 5.61 3.02
C GLY A 124 1.11 4.36 2.21
N ASP A 125 2.39 4.05 2.06
CA ASP A 125 2.83 2.87 1.32
C ASP A 125 4.05 2.27 1.99
N TYR A 126 4.08 0.93 2.08
CA TYR A 126 5.19 0.19 2.67
C TYR A 126 5.75 -0.67 1.54
N THR A 127 7.08 -0.69 1.41
CA THR A 127 7.76 -1.46 0.37
C THR A 127 8.84 -2.30 1.04
N ASP A 128 8.94 -3.56 0.66
CA ASP A 128 9.96 -4.42 1.24
C ASP A 128 10.97 -4.80 0.18
N PHE A 129 12.21 -4.34 0.33
CA PHE A 129 13.25 -4.70 -0.62
C PHE A 129 13.81 -6.09 -0.29
N TYR A 130 14.79 -6.55 -1.03
CA TYR A 130 15.36 -7.91 -0.87
C TYR A 130 16.88 -7.76 -1.08
N SER A 131 17.45 -6.74 -0.47
CA SER A 131 18.85 -6.39 -0.66
C SER A 131 20.01 -7.08 0.05
N SER A 132 19.73 -8.05 0.92
CA SER A 132 20.80 -8.75 1.62
C SER A 132 21.19 -9.94 0.76
N ARG A 133 22.40 -9.89 0.19
CA ARG A 133 22.87 -10.94 -0.70
C ARG A 133 22.82 -12.36 -0.12
N GLN A 134 23.33 -12.54 1.10
CA GLN A 134 23.34 -13.89 1.68
C GLN A 134 21.93 -14.38 1.92
N HIS A 135 21.01 -13.47 2.23
CA HIS A 135 19.64 -13.88 2.47
C HIS A 135 19.03 -14.40 1.18
N ALA A 136 19.14 -13.60 0.12
CA ALA A 136 18.60 -14.00 -1.18
C ALA A 136 19.23 -15.31 -1.66
N THR A 137 20.54 -15.43 -1.42
CA THR A 137 21.29 -16.60 -1.80
C THR A 137 20.83 -17.84 -1.03
N ASN A 138 20.64 -17.71 0.28
CA ASN A 138 20.19 -18.84 1.09
C ASN A 138 18.83 -19.33 0.64
N VAL A 139 17.92 -18.39 0.41
CA VAL A 139 16.57 -18.72 -0.03
C VAL A 139 16.65 -19.35 -1.43
N GLY A 140 17.49 -18.78 -2.29
CA GLY A 140 17.66 -19.30 -3.63
C GLY A 140 18.17 -20.74 -3.59
N ILE A 141 19.15 -21.00 -2.73
CA ILE A 141 19.70 -22.34 -2.59
C ILE A 141 18.59 -23.32 -2.15
N MSE A 142 17.73 -22.90 -1.23
CA MSE A 142 16.64 -23.76 -0.75
C MSE A 142 15.58 -24.01 -1.82
O MSE A 142 15.07 -25.12 -1.96
CB MSE A 142 16.03 -23.20 0.55
CG MSE A 142 16.98 -23.22 1.77
SE MSE A 142 16.28 -22.59 3.41
CE MSE A 142 14.55 -22.52 2.95
N PHE A 143 15.29 -23.00 -2.64
CA PHE A 143 14.27 -23.10 -3.69
C PHE A 143 14.73 -23.73 -5.00
N ARG A 144 15.86 -23.24 -5.51
CA ARG A 144 16.41 -23.64 -6.79
C ARG A 144 17.70 -24.46 -6.77
N GLY A 145 18.47 -24.31 -5.70
CA GLY A 145 19.74 -25.01 -5.62
C GLY A 145 20.84 -23.99 -5.78
N LYS A 146 22.03 -24.32 -5.31
CA LYS A 146 23.18 -23.42 -5.38
C LYS A 146 23.51 -22.86 -6.77
N GLU A 147 23.40 -23.70 -7.79
CA GLU A 147 23.71 -23.28 -9.17
C GLU A 147 22.82 -22.14 -9.64
N ASN A 148 21.57 -22.10 -9.16
CA ASN A 148 20.63 -21.05 -9.53
C ASN A 148 20.17 -20.28 -8.30
N ALA A 149 21.10 -20.05 -7.37
CA ALA A 149 20.79 -19.32 -6.14
C ALA A 149 20.11 -17.98 -6.41
N LEU A 150 20.85 -17.03 -6.98
CA LEU A 150 20.27 -15.72 -7.29
C LEU A 150 19.64 -15.72 -8.67
N LEU A 151 18.50 -15.04 -8.79
CA LEU A 151 17.81 -14.92 -10.08
C LEU A 151 18.57 -13.89 -10.91
N PRO A 152 18.43 -13.93 -12.24
CA PRO A 152 19.11 -13.02 -13.18
C PRO A 152 19.10 -11.53 -12.87
N ASN A 153 18.00 -11.02 -12.33
CA ASN A 153 17.89 -9.59 -12.05
C ASN A 153 18.45 -9.09 -10.72
N TRP A 154 18.74 -9.99 -9.79
CA TRP A 154 19.22 -9.60 -8.47
C TRP A 154 20.43 -8.67 -8.40
N LEU A 155 21.47 -8.98 -9.17
CA LEU A 155 22.67 -8.15 -9.16
C LEU A 155 22.53 -6.88 -10.01
N HIS A 156 21.39 -6.72 -10.67
CA HIS A 156 21.20 -5.56 -11.53
C HIS A 156 20.28 -4.47 -11.01
N LEU A 157 19.39 -4.81 -10.09
CA LEU A 157 18.48 -3.83 -9.51
C LEU A 157 18.03 -4.27 -8.12
N PRO A 158 17.65 -3.30 -7.27
CA PRO A 158 17.19 -3.57 -5.91
C PRO A 158 15.76 -4.11 -6.01
N VAL A 159 15.62 -5.44 -6.16
CA VAL A 159 14.30 -6.04 -6.26
C VAL A 159 13.53 -5.78 -4.96
N GLY A 160 12.21 -5.62 -5.07
CA GLY A 160 11.37 -5.38 -3.91
C GLY A 160 9.91 -5.52 -4.30
N TYR A 161 9.01 -5.48 -3.33
CA TYR A 161 7.58 -5.60 -3.63
C TYR A 161 6.79 -4.69 -2.69
N HIS A 162 5.60 -4.29 -3.12
CA HIS A 162 4.73 -3.45 -2.30
C HIS A 162 4.23 -4.33 -1.15
N GLY A 163 4.31 -3.82 0.07
CA GLY A 163 3.86 -4.57 1.22
C GLY A 163 2.48 -4.08 1.66
N ARG A 164 1.97 -4.65 2.75
CA ARG A 164 0.66 -4.26 3.30
C ARG A 164 0.88 -3.24 4.41
N ALA A 165 0.38 -2.02 4.23
CA ALA A 165 0.56 -0.96 5.23
C ALA A 165 -0.28 -1.11 6.50
N SER A 166 -1.55 -1.49 6.33
CA SER A 166 -2.48 -1.61 7.45
C SER A 166 -2.03 -2.49 8.61
N SER A 167 -1.34 -3.58 8.28
CA SER A 167 -0.89 -4.51 9.29
C SER A 167 0.47 -4.25 9.93
N ILE A 168 1.03 -3.06 9.71
CA ILE A 168 2.28 -2.67 10.35
C ILE A 168 1.86 -2.20 11.72
N VAL A 169 2.34 -2.89 12.75
CA VAL A 169 1.99 -2.59 14.14
C VAL A 169 3.21 -2.23 14.97
N VAL A 170 2.98 -1.46 16.04
CA VAL A 170 4.05 -0.99 16.92
C VAL A 170 4.54 -2.11 17.86
N SER A 171 5.79 -1.99 18.28
CA SER A 171 6.41 -2.97 19.17
C SER A 171 5.52 -3.33 20.36
N GLY A 172 5.42 -4.63 20.65
CA GLY A 172 4.62 -5.12 21.75
C GLY A 172 3.26 -5.67 21.36
N THR A 173 2.83 -5.42 20.12
CA THR A 173 1.55 -5.92 19.66
C THR A 173 1.56 -7.43 19.49
N PRO A 174 0.60 -8.14 20.11
CA PRO A 174 0.53 -9.60 19.96
C PRO A 174 0.21 -9.93 18.50
N ILE A 175 0.81 -11.00 17.99
CA ILE A 175 0.59 -11.43 16.59
C ILE A 175 -0.10 -12.79 16.56
N ARG A 176 -1.28 -12.85 15.96
CA ARG A 176 -2.05 -14.09 15.84
C ARG A 176 -1.54 -15.01 14.75
N ARG A 177 -1.27 -16.28 15.08
CA ARG A 177 -0.83 -17.24 14.09
C ARG A 177 -1.96 -17.20 13.05
N PRO A 178 -1.61 -16.99 11.78
CA PRO A 178 -2.60 -16.90 10.70
C PRO A 178 -3.15 -18.21 10.14
N MSE A 179 -4.42 -18.15 9.73
CA MSE A 179 -5.10 -19.28 9.11
C MSE A 179 -4.96 -18.99 7.62
O MSE A 179 -4.80 -17.82 7.23
CB MSE A 179 -6.60 -19.26 9.44
CG MSE A 179 -6.94 -19.36 10.91
SE MSE A 179 -6.98 -21.09 11.45
CE MSE A 179 -8.53 -21.65 10.72
N GLY A 180 -4.99 -20.02 6.79
CA GLY A 180 -4.89 -19.82 5.37
C GLY A 180 -4.84 -21.12 4.61
N GLN A 181 -4.52 -21.03 3.33
CA GLN A 181 -4.41 -22.18 2.45
C GLN A 181 -2.96 -22.62 2.38
N MSE A 182 -2.73 -23.92 2.33
CA MSE A 182 -1.39 -24.48 2.25
C MSE A 182 -1.51 -25.72 1.37
O MSE A 182 -2.60 -26.27 1.20
CB MSE A 182 -0.89 -24.90 3.65
CG MSE A 182 -0.79 -23.78 4.67
SE MSE A 182 -1.10 -24.29 6.40
CE MSE A 182 -2.91 -24.49 6.27
N ARG A 183 -0.40 -26.16 0.80
CA ARG A 183 -0.43 -27.37 0.00
C ARG A 183 0.74 -28.25 0.44
N PRO A 184 0.57 -28.99 1.55
CA PRO A 184 1.62 -29.88 2.08
C PRO A 184 1.92 -31.08 1.20
N ASP A 185 0.98 -31.41 0.32
CA ASP A 185 1.13 -32.55 -0.56
C ASP A 185 0.74 -32.11 -1.95
N ASN A 186 1.72 -32.00 -2.83
CA ASN A 186 1.49 -31.56 -4.21
C ASN A 186 0.57 -32.43 -5.06
N SER A 187 0.29 -33.63 -4.61
CA SER A 187 -0.58 -34.52 -5.37
C SER A 187 -2.03 -34.42 -4.90
N LYS A 188 -2.27 -33.59 -3.88
CA LYS A 188 -3.62 -33.41 -3.36
C LYS A 188 -3.98 -31.93 -3.34
N PRO A 189 -5.27 -31.63 -3.28
CA PRO A 189 -5.73 -30.25 -3.25
C PRO A 189 -5.21 -29.53 -2.02
N PRO A 190 -5.24 -28.18 -2.03
CA PRO A 190 -4.76 -27.39 -0.90
C PRO A 190 -5.70 -27.62 0.28
N VAL A 191 -5.23 -27.33 1.48
CA VAL A 191 -6.03 -27.49 2.68
C VAL A 191 -6.10 -26.14 3.35
N TYR A 192 -7.09 -25.96 4.22
CA TYR A 192 -7.27 -24.71 4.95
C TYR A 192 -7.00 -25.00 6.41
N GLY A 193 -6.12 -24.21 7.01
CA GLY A 193 -5.82 -24.42 8.41
C GLY A 193 -4.84 -23.41 8.97
N ALA A 194 -4.44 -23.63 10.21
CA ALA A 194 -3.48 -22.76 10.89
C ALA A 194 -2.11 -22.94 10.27
N CYS A 195 -1.44 -21.82 10.02
CA CYS A 195 -0.10 -21.84 9.45
C CYS A 195 0.81 -22.71 10.35
N ARG A 196 1.67 -23.50 9.75
CA ARG A 196 2.56 -24.38 10.50
C ARG A 196 4.01 -23.95 10.51
N LEU A 197 4.38 -23.11 9.56
CA LEU A 197 5.73 -22.61 9.45
C LEU A 197 5.76 -21.10 9.68
N LEU A 198 5.53 -20.69 10.92
CA LEU A 198 5.53 -19.28 11.29
C LEU A 198 6.96 -18.85 11.55
N ASP A 199 7.33 -17.70 11.00
CA ASP A 199 8.70 -17.23 11.09
C ASP A 199 8.80 -15.71 11.28
N MSE A 200 9.99 -15.27 11.67
CA MSE A 200 10.26 -13.86 11.82
C MSE A 200 11.26 -13.51 10.72
O MSE A 200 11.78 -14.40 10.05
CB MSE A 200 10.89 -13.58 13.20
CG MSE A 200 12.15 -14.36 13.56
SE MSE A 200 13.76 -13.60 13.07
CE MSE A 200 13.46 -11.90 13.33
N GLU A 201 11.46 -12.21 10.51
CA GLU A 201 12.43 -11.74 9.53
C GLU A 201 13.03 -10.44 10.02
N LEU A 202 14.31 -10.52 10.37
CA LEU A 202 15.07 -9.38 10.86
C LEU A 202 15.26 -8.38 9.74
N GLU A 203 14.75 -7.18 9.92
CA GLU A 203 14.88 -6.14 8.92
C GLU A 203 15.04 -4.77 9.58
N MSE A 204 15.37 -3.78 8.78
CA MSE A 204 15.47 -2.40 9.22
C MSE A 204 14.74 -1.65 8.13
O MSE A 204 14.70 -2.12 6.98
CB MSE A 204 16.91 -1.92 9.36
CG MSE A 204 17.61 -2.44 10.62
SE MSE A 204 19.09 -1.46 11.07
CE MSE A 204 18.26 -0.07 12.03
N ALA A 205 14.15 -0.52 8.46
CA ALA A 205 13.40 0.24 7.47
C ALA A 205 13.59 1.72 7.67
N PHE A 206 13.50 2.49 6.59
CA PHE A 206 13.64 3.94 6.70
C PHE A 206 12.36 4.62 6.25
N PHE A 207 12.09 5.79 6.85
CA PHE A 207 10.92 6.59 6.51
C PHE A 207 11.33 7.65 5.51
N VAL A 208 10.43 7.95 4.57
CA VAL A 208 10.64 8.96 3.56
C VAL A 208 10.29 10.35 4.09
N GLY A 209 11.10 11.34 3.71
CA GLY A 209 10.87 12.71 4.12
C GLY A 209 10.00 13.39 3.08
N PRO A 210 10.47 14.49 2.46
CA PRO A 210 9.61 15.13 1.45
C PRO A 210 9.46 14.13 0.32
N GLY A 211 8.33 14.13 -0.35
CA GLY A 211 8.22 13.17 -1.43
C GLY A 211 8.69 13.79 -2.74
N ASN A 212 8.28 13.18 -3.84
CA ASN A 212 8.60 13.67 -5.16
C ASN A 212 7.24 13.76 -5.86
N ARG A 213 7.10 14.68 -6.80
CA ARG A 213 5.86 14.83 -7.53
C ARG A 213 5.61 13.63 -8.45
N PHE A 214 4.33 13.29 -8.60
CA PHE A 214 3.88 12.18 -9.47
C PHE A 214 4.44 12.44 -10.86
N GLY A 215 5.24 11.50 -11.36
CA GLY A 215 5.84 11.61 -12.67
C GLY A 215 7.26 12.15 -12.67
N GLU A 216 7.76 12.55 -11.50
CA GLU A 216 9.11 13.12 -11.38
C GLU A 216 10.06 12.27 -10.54
N PRO A 217 10.95 11.52 -11.19
CA PRO A 217 11.91 10.66 -10.48
C PRO A 217 12.86 11.46 -9.56
N ILE A 218 13.32 10.83 -8.49
CA ILE A 218 14.27 11.47 -7.58
C ILE A 218 15.66 11.03 -8.07
N PRO A 219 16.48 11.99 -8.54
CA PRO A 219 17.82 11.62 -9.02
C PRO A 219 18.62 11.06 -7.85
N ILE A 220 19.50 10.10 -8.09
CA ILE A 220 20.26 9.52 -6.97
C ILE A 220 21.06 10.58 -6.19
N SER A 221 21.48 11.63 -6.89
CA SER A 221 22.23 12.73 -6.28
C SER A 221 21.44 13.37 -5.14
N LYS A 222 20.12 13.35 -5.25
CA LYS A 222 19.25 13.93 -4.24
C LYS A 222 18.58 12.93 -3.31
N ALA A 223 18.81 11.63 -3.53
CA ALA A 223 18.19 10.61 -2.70
C ALA A 223 18.39 10.81 -1.20
N HIS A 224 19.59 11.19 -0.79
CA HIS A 224 19.89 11.40 0.62
C HIS A 224 19.01 12.48 1.28
N GLU A 225 18.47 13.39 0.47
CA GLU A 225 17.62 14.47 0.97
C GLU A 225 16.22 13.99 1.34
N HIS A 226 15.89 12.76 0.96
CA HIS A 226 14.57 12.22 1.23
C HIS A 226 14.53 11.11 2.27
N ILE A 227 15.65 10.86 2.93
CA ILE A 227 15.71 9.80 3.93
C ILE A 227 15.69 10.39 5.33
N PHE A 228 14.57 10.21 6.03
CA PHE A 228 14.38 10.76 7.36
C PHE A 228 15.11 10.06 8.50
N GLY A 229 14.83 8.77 8.66
CA GLY A 229 15.40 8.01 9.76
C GLY A 229 15.05 6.54 9.65
N MSE A 230 15.49 5.75 10.63
CA MSE A 230 15.28 4.31 10.61
C MSE A 230 14.63 3.71 11.84
O MSE A 230 14.69 4.28 12.94
CB MSE A 230 16.63 3.61 10.43
CG MSE A 230 17.46 4.03 9.22
SE MSE A 230 18.97 2.97 9.06
CE MSE A 230 18.17 1.48 8.35
N VAL A 231 14.05 2.53 11.65
CA VAL A 231 13.44 1.75 12.74
C VAL A 231 13.77 0.28 12.47
N LEU A 232 13.61 -0.55 13.50
CA LEU A 232 13.82 -1.98 13.38
C LEU A 232 12.50 -2.58 12.88
N MSE A 233 12.56 -3.72 12.19
CA MSE A 233 11.34 -4.35 11.70
C MSE A 233 11.40 -5.87 11.78
O MSE A 233 12.45 -6.47 11.64
CB MSE A 233 11.07 -3.94 10.24
CG MSE A 233 9.88 -4.65 9.60
SE MSE A 233 9.60 -4.24 7.78
CE MSE A 233 8.76 -2.63 7.97
N ASN A 234 10.25 -6.49 12.08
CA ASN A 234 10.12 -7.94 12.10
C ASN A 234 9.01 -8.26 11.10
N ASP A 235 9.39 -8.68 9.91
CA ASP A 235 8.42 -9.01 8.88
C ASP A 235 7.93 -10.44 9.10
N TRP A 236 6.96 -10.60 10.00
CA TRP A 236 6.41 -11.91 10.33
C TRP A 236 5.97 -12.62 9.05
N SER A 237 6.31 -13.90 8.95
CA SER A 237 6.02 -14.68 7.76
C SER A 237 5.39 -16.06 8.02
N ALA A 238 4.42 -16.43 7.18
CA ALA A 238 3.77 -17.72 7.25
C ALA A 238 4.30 -18.39 5.98
N ARG A 239 5.42 -19.10 6.12
CA ARG A 239 6.10 -19.72 4.99
C ARG A 239 5.32 -20.71 4.14
N ASP A 240 4.52 -21.56 4.78
CA ASP A 240 3.73 -22.53 4.06
C ASP A 240 2.58 -21.88 3.27
N ILE A 241 2.02 -20.79 3.80
CA ILE A 241 0.96 -20.06 3.10
C ILE A 241 1.62 -19.32 1.93
N GLN A 242 2.76 -18.71 2.21
CA GLN A 242 3.52 -17.95 1.21
C GLN A 242 3.92 -18.80 0.01
N GLN A 243 4.50 -19.97 0.27
CA GLN A 243 4.96 -20.85 -0.78
C GLN A 243 3.87 -21.20 -1.78
N TRP A 244 2.68 -21.50 -1.27
CA TRP A 244 1.58 -21.89 -2.14
C TRP A 244 0.97 -20.74 -2.96
N GLU A 245 1.00 -19.52 -2.42
CA GLU A 245 0.40 -18.38 -3.10
C GLU A 245 1.29 -17.47 -3.95
N TYR A 246 2.57 -17.39 -3.61
CA TYR A 246 3.46 -16.43 -4.24
C TYR A 246 3.80 -16.39 -5.73
N VAL A 247 3.69 -17.51 -6.44
CA VAL A 247 3.98 -17.47 -7.88
C VAL A 247 2.63 -17.27 -8.59
N PRO A 248 2.55 -16.32 -9.54
CA PRO A 248 3.62 -15.43 -9.99
C PRO A 248 3.55 -13.99 -9.51
N LEU A 249 2.55 -13.64 -8.71
CA LEU A 249 2.38 -12.26 -8.29
C LEU A 249 3.07 -11.75 -7.02
N GLY A 250 3.76 -12.64 -6.31
CA GLY A 250 4.49 -12.22 -5.11
C GLY A 250 3.93 -12.56 -3.74
N PRO A 251 4.69 -12.25 -2.67
CA PRO A 251 4.31 -12.51 -1.27
C PRO A 251 3.01 -11.75 -1.02
N PHE A 252 2.04 -12.41 -0.39
CA PHE A 252 0.75 -11.78 -0.16
C PHE A 252 0.25 -12.03 1.26
N LEU A 253 -0.66 -13.00 1.42
CA LEU A 253 -1.20 -13.33 2.73
C LEU A 253 -0.13 -13.90 3.68
N GLY A 254 0.94 -14.44 3.11
CA GLY A 254 2.01 -15.00 3.93
C GLY A 254 2.82 -13.91 4.63
N LYS A 255 2.50 -12.65 4.34
CA LYS A 255 3.22 -11.52 4.93
C LYS A 255 2.31 -10.50 5.62
N SER A 256 1.13 -10.27 5.05
CA SER A 256 0.19 -9.25 5.53
C SER A 256 -0.56 -9.43 6.84
N PHE A 257 -0.38 -10.55 7.53
CA PHE A 257 -1.10 -10.75 8.78
C PHE A 257 -0.46 -9.94 9.90
N GLY A 258 0.72 -9.37 9.63
CA GLY A 258 1.37 -8.55 10.64
C GLY A 258 2.83 -8.27 10.37
N THR A 259 3.25 -7.02 10.56
CA THR A 259 4.64 -6.61 10.38
C THR A 259 4.90 -5.62 11.52
N THR A 260 5.85 -5.93 12.39
CA THR A 260 6.14 -5.07 13.55
C THR A 260 7.33 -4.13 13.35
N ILE A 261 7.21 -2.90 13.84
CA ILE A 261 8.33 -1.94 13.78
C ILE A 261 8.53 -1.33 15.17
N SER A 262 9.76 -0.91 15.44
CA SER A 262 10.08 -0.27 16.70
C SER A 262 9.51 1.16 16.63
N PRO A 263 9.14 1.75 17.78
CA PRO A 263 8.56 3.10 17.86
C PRO A 263 9.49 4.30 17.60
N TRP A 264 10.72 4.21 18.07
CA TRP A 264 11.67 5.30 17.97
C TRP A 264 12.41 5.41 16.64
N VAL A 265 12.19 6.51 15.93
CA VAL A 265 12.83 6.73 14.65
C VAL A 265 14.16 7.45 14.82
N VAL A 266 15.25 6.73 14.61
CA VAL A 266 16.58 7.31 14.74
C VAL A 266 16.87 8.14 13.48
N PRO A 267 17.13 9.45 13.64
CA PRO A 267 17.43 10.37 12.53
C PRO A 267 18.69 9.93 11.81
N MSE A 268 18.75 10.12 10.49
CA MSE A 268 19.94 9.72 9.74
C MSE A 268 21.19 10.43 10.26
O MSE A 268 22.26 9.84 10.28
CB MSE A 268 19.75 9.96 8.24
CG MSE A 268 18.79 9.00 7.56
SE MSE A 268 19.08 7.21 7.93
CE MSE A 268 20.79 6.98 7.49
N ASP A 269 21.04 11.69 10.68
CA ASP A 269 22.18 12.46 11.20
C ASP A 269 22.82 11.79 12.41
N ALA A 270 22.03 11.06 13.19
CA ALA A 270 22.56 10.35 14.35
C ALA A 270 23.35 9.10 13.91
N LEU A 271 23.07 8.62 12.71
CA LEU A 271 23.73 7.42 12.17
C LEU A 271 24.96 7.66 11.31
N MSE A 272 25.14 8.89 10.84
CA MSE A 272 26.28 9.23 9.97
C MSE A 272 27.66 8.90 10.55
O MSE A 272 28.56 8.51 9.81
CB MSE A 272 26.21 10.67 9.48
CG MSE A 272 25.14 10.95 8.42
SE MSE A 272 25.10 9.81 6.93
CE MSE A 272 26.82 9.81 6.45
N PRO A 273 27.84 9.06 11.87
CA PRO A 273 29.17 8.75 12.44
C PRO A 273 29.53 7.26 12.29
N PHE A 274 28.55 6.42 11.97
CA PHE A 274 28.78 5.00 11.83
C PHE A 274 28.69 4.50 10.40
N VAL A 275 28.78 5.42 9.45
CA VAL A 275 28.74 5.06 8.04
C VAL A 275 30.05 4.32 7.70
N VAL A 276 29.97 3.36 6.80
CA VAL A 276 31.15 2.58 6.36
C VAL A 276 31.11 2.53 4.83
N PRO A 277 32.23 2.14 4.19
CA PRO A 277 32.29 2.05 2.71
C PRO A 277 31.18 1.16 2.12
N ASN A 278 30.68 1.53 0.96
CA ASN A 278 29.64 0.74 0.32
C ASN A 278 30.24 -0.54 -0.25
N PRO A 279 29.53 -1.68 -0.10
CA PRO A 279 30.03 -2.97 -0.62
C PRO A 279 30.27 -2.85 -2.13
N LYS A 280 31.36 -3.45 -2.61
CA LYS A 280 31.72 -3.41 -4.03
C LYS A 280 30.63 -4.16 -4.81
N GLN A 281 30.09 -3.53 -5.84
CA GLN A 281 29.06 -4.18 -6.63
C GLN A 281 29.65 -4.59 -7.98
N ASP A 282 29.48 -5.85 -8.32
CA ASP A 282 30.00 -6.38 -9.58
C ASP A 282 28.89 -7.31 -10.10
N PRO A 283 28.34 -7.00 -11.29
CA PRO A 283 28.65 -5.88 -12.18
C PRO A 283 28.33 -4.52 -11.57
N LYS A 284 28.93 -3.47 -12.10
CA LYS A 284 28.62 -2.13 -11.63
C LYS A 284 27.22 -1.84 -12.13
N PRO A 285 26.39 -1.19 -11.29
CA PRO A 285 25.02 -0.87 -11.66
C PRO A 285 24.99 0.17 -12.78
N LEU A 286 23.81 0.35 -13.39
CA LEU A 286 23.62 1.34 -14.42
C LEU A 286 23.83 2.68 -13.75
N PRO A 287 24.27 3.69 -14.53
CA PRO A 287 24.52 5.04 -14.00
C PRO A 287 23.47 5.63 -13.06
N TYR A 288 22.19 5.39 -13.33
CA TYR A 288 21.15 5.98 -12.48
C TYR A 288 21.18 5.46 -11.04
N LEU A 289 21.84 4.33 -10.82
CA LEU A 289 21.96 3.73 -9.49
C LEU A 289 23.35 3.95 -8.86
N CYS A 290 24.21 4.69 -9.53
CA CYS A 290 25.56 4.91 -9.05
C CYS A 290 25.72 6.08 -8.10
N HIS A 291 26.51 5.88 -7.05
CA HIS A 291 26.79 6.92 -6.08
C HIS A 291 28.08 6.59 -5.34
N SER A 292 28.94 7.59 -5.15
CA SER A 292 30.19 7.37 -4.43
C SER A 292 30.05 7.65 -2.94
N GLN A 293 29.06 8.47 -2.55
CA GLN A 293 28.83 8.79 -1.13
C GLN A 293 28.62 7.49 -0.34
N PRO A 294 29.41 7.29 0.74
CA PRO A 294 29.25 6.08 1.55
C PRO A 294 27.88 6.18 2.24
N TYR A 295 27.12 5.11 2.19
CA TYR A 295 25.80 5.11 2.80
C TYR A 295 25.42 3.71 3.25
N THR A 296 26.40 3.03 3.85
CA THR A 296 26.23 1.69 4.39
C THR A 296 26.49 1.95 5.88
N PHE A 297 25.75 1.30 6.76
CA PHE A 297 25.94 1.58 8.18
C PHE A 297 26.26 0.39 9.08
N ASP A 298 27.12 0.65 10.06
CA ASP A 298 27.53 -0.36 11.02
C ASP A 298 26.55 -0.35 12.18
N ILE A 299 25.51 -1.15 12.07
CA ILE A 299 24.48 -1.24 13.10
C ILE A 299 24.39 -2.68 13.57
N ASN A 300 24.77 -2.91 14.83
CA ASN A 300 24.74 -4.24 15.42
C ASN A 300 23.29 -4.59 15.71
N LEU A 301 22.87 -5.77 15.26
CA LEU A 301 21.51 -6.25 15.45
C LEU A 301 21.52 -7.57 16.20
N SER A 302 20.49 -7.79 17.00
CA SER A 302 20.38 -9.01 17.78
C SER A 302 18.91 -9.42 17.88
N VAL A 303 18.65 -10.72 17.86
CA VAL A 303 17.30 -11.25 17.95
C VAL A 303 17.23 -12.31 19.04
N SER A 304 16.27 -12.18 19.94
CA SER A 304 16.11 -13.17 21.00
C SER A 304 14.77 -13.84 20.87
N LEU A 305 14.66 -15.05 21.41
CA LEU A 305 13.41 -15.80 21.40
C LEU A 305 13.23 -16.34 22.82
N LYS A 306 12.02 -16.23 23.34
CA LYS A 306 11.72 -16.73 24.67
C LYS A 306 10.37 -17.42 24.56
N GLY A 307 10.34 -18.70 24.85
CA GLY A 307 9.11 -19.43 24.73
C GLY A 307 8.36 -19.57 26.04
N GLU A 308 7.13 -20.03 25.94
CA GLU A 308 6.28 -20.26 27.09
C GLU A 308 7.02 -21.29 27.95
N GLY A 309 7.04 -21.07 29.26
CA GLY A 309 7.72 -22.02 30.13
C GLY A 309 9.22 -21.83 30.19
N MSE A 310 9.76 -20.92 29.39
CA MSE A 310 11.20 -20.65 29.42
C MSE A 310 11.35 -19.43 30.31
O MSE A 310 10.54 -18.50 30.22
CB MSE A 310 11.73 -20.35 28.01
CG MSE A 310 12.08 -21.58 27.22
SE MSE A 310 12.52 -21.17 25.51
CE MSE A 310 13.91 -20.04 25.77
N SER A 311 12.33 -19.46 31.21
CA SER A 311 12.56 -18.34 32.11
C SER A 311 13.42 -17.25 31.46
N GLN A 312 14.25 -17.67 30.50
CA GLN A 312 15.12 -16.73 29.80
C GLN A 312 15.15 -16.82 28.30
N ALA A 313 15.27 -15.66 27.67
CA ALA A 313 15.32 -15.54 26.23
C ALA A 313 16.71 -15.89 25.73
N ALA A 314 16.77 -16.57 24.58
CA ALA A 314 18.03 -16.96 23.97
C ALA A 314 18.25 -16.13 22.72
N THR A 315 19.48 -15.65 22.54
CA THR A 315 19.83 -14.86 21.37
C THR A 315 20.01 -15.85 20.22
N ILE A 316 19.10 -15.80 19.24
CA ILE A 316 19.20 -16.72 18.11
C ILE A 316 19.86 -16.14 16.88
N CYS A 317 20.16 -14.85 16.89
CA CYS A 317 20.79 -14.22 15.73
C CYS A 317 21.55 -12.96 16.11
N ARG A 318 22.76 -12.83 15.58
CA ARG A 318 23.60 -11.66 15.79
C ARG A 318 24.02 -11.26 14.40
N SER A 319 23.56 -10.11 13.93
CA SER A 319 23.87 -9.68 12.57
C SER A 319 24.23 -8.21 12.55
N ASN A 320 24.33 -7.64 11.35
CA ASN A 320 24.69 -6.23 11.21
C ASN A 320 24.09 -5.68 9.92
N PHE A 321 23.63 -4.43 9.97
CA PHE A 321 23.03 -3.78 8.81
C PHE A 321 24.07 -3.54 7.71
N LYS A 322 25.35 -3.63 8.04
CA LYS A 322 26.39 -3.43 7.04
C LYS A 322 26.38 -4.50 5.94
N HIS A 323 25.67 -5.61 6.19
CA HIS A 323 25.58 -6.69 5.20
C HIS A 323 24.40 -6.44 4.26
N MSE A 324 24.47 -5.35 3.50
CA MSE A 324 23.42 -5.01 2.55
C MSE A 324 24.14 -4.67 1.27
O MSE A 324 25.04 -3.84 1.26
CB MSE A 324 22.59 -3.83 3.05
CG MSE A 324 21.77 -4.12 4.29
SE MSE A 324 20.58 -5.49 4.06
CE MSE A 324 19.50 -4.72 2.85
N TYR A 325 23.75 -5.36 0.19
CA TYR A 325 24.37 -5.15 -1.12
C TYR A 325 23.91 -3.85 -1.76
N TRP A 326 22.62 -3.54 -1.65
CA TRP A 326 22.06 -2.33 -2.22
C TRP A 326 21.81 -1.33 -1.08
N THR A 327 22.16 -0.07 -1.29
CA THR A 327 22.00 0.97 -0.26
C THR A 327 20.60 1.57 -0.29
N MSE A 328 20.26 2.32 0.77
CA MSE A 328 18.97 2.98 0.86
C MSE A 328 18.85 4.03 -0.25
O MSE A 328 17.75 4.32 -0.74
CB MSE A 328 18.81 3.67 2.23
CG MSE A 328 18.70 2.70 3.42
SE MSE A 328 18.43 3.56 5.02
CE MSE A 328 20.25 3.72 5.60
N LEU A 329 19.99 4.63 -0.64
CA LEU A 329 19.98 5.63 -1.71
C LEU A 329 19.58 4.97 -3.02
N GLN A 330 20.13 3.78 -3.29
CA GLN A 330 19.81 3.07 -4.51
C GLN A 330 18.36 2.57 -4.49
N GLN A 331 17.88 2.19 -3.31
CA GLN A 331 16.50 1.72 -3.18
C GLN A 331 15.51 2.85 -3.43
N LEU A 332 15.74 4.00 -2.82
CA LEU A 332 14.86 5.16 -2.97
C LEU A 332 14.85 5.62 -4.43
N THR A 333 16.04 5.69 -5.03
CA THR A 333 16.17 6.11 -6.41
C THR A 333 15.43 5.15 -7.35
N HIS A 334 15.70 3.86 -7.21
CA HIS A 334 15.05 2.85 -8.02
C HIS A 334 13.53 2.94 -7.86
N HIS A 335 13.08 3.13 -6.63
CA HIS A 335 11.65 3.20 -6.35
C HIS A 335 10.91 4.35 -7.04
N SER A 336 11.64 5.41 -7.41
CA SER A 336 10.99 6.53 -8.07
C SER A 336 11.44 6.73 -9.52
N VAL A 337 12.29 5.84 -10.02
CA VAL A 337 12.82 5.97 -11.39
C VAL A 337 11.74 6.05 -12.48
N ASN A 338 10.60 5.41 -12.23
CA ASN A 338 9.48 5.36 -13.16
C ASN A 338 8.46 6.48 -12.94
N GLY A 339 8.75 7.38 -12.01
CA GLY A 339 7.83 8.46 -11.73
C GLY A 339 6.94 8.22 -10.53
N CYS A 340 7.00 7.02 -9.95
CA CYS A 340 6.22 6.69 -8.76
C CYS A 340 6.49 7.74 -7.69
N ASN A 341 5.42 8.25 -7.08
CA ASN A 341 5.52 9.29 -6.06
C ASN A 341 5.64 8.81 -4.61
N LEU A 342 6.84 8.89 -4.05
CA LEU A 342 7.07 8.53 -2.66
C LEU A 342 6.50 9.69 -1.85
N ARG A 343 5.89 9.39 -0.71
CA ARG A 343 5.29 10.42 0.12
C ARG A 343 5.82 10.40 1.54
N PRO A 344 5.70 11.53 2.27
CA PRO A 344 6.19 11.59 3.64
C PRO A 344 5.56 10.47 4.47
N GLY A 345 6.39 9.75 5.22
CA GLY A 345 5.86 8.68 6.05
C GLY A 345 5.91 7.29 5.43
N ASP A 346 6.18 7.23 4.12
CA ASP A 346 6.31 5.93 3.44
C ASP A 346 7.43 5.17 4.13
N LEU A 347 7.32 3.85 4.17
CA LEU A 347 8.31 3.00 4.83
C LEU A 347 8.93 2.04 3.82
N LEU A 348 10.25 2.13 3.64
CA LEU A 348 10.97 1.27 2.71
C LEU A 348 11.88 0.39 3.55
N ALA A 349 11.63 -0.91 3.52
CA ALA A 349 12.39 -1.87 4.30
C ALA A 349 13.49 -2.58 3.50
N SER A 350 14.50 -3.03 4.23
CA SER A 350 15.67 -3.71 3.66
C SER A 350 15.49 -5.13 3.14
N GLY A 351 14.55 -5.85 3.73
CA GLY A 351 14.37 -7.24 3.39
C GLY A 351 15.17 -7.93 4.49
N THR A 352 14.97 -9.23 4.66
CA THR A 352 15.68 -9.97 5.70
C THR A 352 17.19 -9.75 5.60
N ILE A 353 17.80 -9.44 6.73
CA ILE A 353 19.23 -9.17 6.81
C ILE A 353 19.98 -10.43 7.25
N SER A 354 20.90 -10.89 6.41
CA SER A 354 21.71 -12.07 6.72
C SER A 354 23.15 -11.82 6.30
N GLY A 355 24.08 -12.15 7.20
CA GLY A 355 25.49 -12.03 6.90
C GLY A 355 25.96 -13.40 6.42
N SER A 356 27.25 -13.56 6.15
CA SER A 356 27.77 -14.84 5.67
C SER A 356 27.88 -15.92 6.75
N ASP A 357 28.08 -15.49 7.99
CA ASP A 357 28.18 -16.39 9.13
C ASP A 357 26.78 -16.90 9.45
N PRO A 358 26.62 -18.24 9.63
CA PRO A 358 25.29 -18.77 9.94
C PRO A 358 24.64 -18.18 11.20
N GLU A 359 25.47 -17.70 12.13
CA GLU A 359 24.98 -17.09 13.36
C GLU A 359 24.28 -15.75 13.08
N SER A 360 24.46 -15.24 11.87
CA SER A 360 23.88 -13.96 11.47
C SER A 360 22.70 -14.05 10.51
N PHE A 361 22.22 -15.25 10.24
CA PHE A 361 21.10 -15.41 9.33
C PHE A 361 19.86 -14.79 9.99
N GLY A 362 19.16 -13.94 9.25
CA GLY A 362 18.01 -13.23 9.78
C GLY A 362 16.62 -13.84 9.86
N SER A 363 16.50 -15.15 9.64
CA SER A 363 15.19 -15.81 9.73
C SER A 363 15.35 -17.24 10.21
N MSE A 364 14.32 -17.76 10.87
CA MSE A 364 14.36 -19.12 11.34
C MSE A 364 14.34 -20.07 10.15
O MSE A 364 14.85 -21.19 10.24
CB MSE A 364 13.22 -19.38 12.34
CG MSE A 364 13.41 -18.50 13.59
SE MSE A 364 12.02 -18.48 14.79
CE MSE A 364 12.28 -20.15 15.62
N LEU A 365 13.85 -19.58 9.01
CA LEU A 365 13.83 -20.38 7.77
C LEU A 365 15.28 -20.72 7.46
N GLU A 366 16.17 -19.74 7.60
CA GLU A 366 17.59 -19.95 7.35
C GLU A 366 18.30 -20.64 8.52
N LEU A 367 18.08 -20.17 9.74
CA LEU A 367 18.71 -20.73 10.93
C LEU A 367 18.43 -22.22 11.12
N SER A 368 17.24 -22.68 10.74
CA SER A 368 16.89 -24.09 10.87
C SER A 368 17.01 -24.77 9.52
N TRP A 369 17.45 -24.00 8.52
CA TRP A 369 17.58 -24.47 7.15
C TRP A 369 16.36 -25.27 6.67
N LYS A 370 15.22 -24.60 6.65
CA LYS A 370 13.96 -25.20 6.20
C LYS A 370 13.52 -26.33 7.12
N GLY A 371 13.76 -26.15 8.41
CA GLY A 371 13.38 -27.14 9.40
C GLY A 371 14.18 -28.42 9.40
N THR A 372 15.42 -28.38 8.91
CA THR A 372 16.26 -29.57 8.87
C THR A 372 17.28 -29.54 10.01
N LYS A 373 17.40 -28.39 10.66
CA LYS A 373 18.32 -28.22 11.77
C LYS A 373 17.58 -27.61 12.94
N ALA A 374 17.80 -28.13 14.14
CA ALA A 374 17.13 -27.62 15.33
C ALA A 374 17.95 -26.48 15.89
N ILE A 375 17.28 -25.38 16.20
CA ILE A 375 17.90 -24.19 16.78
C ILE A 375 17.87 -24.39 18.28
N ASP A 376 19.01 -24.13 18.93
CA ASP A 376 19.11 -24.29 20.37
C ASP A 376 18.65 -22.99 21.00
N VAL A 377 17.57 -23.06 21.77
CA VAL A 377 17.04 -21.87 22.44
C VAL A 377 17.22 -21.95 23.96
N GLY A 378 18.09 -22.86 24.39
CA GLY A 378 18.37 -23.02 25.81
C GLY A 378 17.37 -23.82 26.63
N GLN A 379 17.70 -24.01 27.91
CA GLN A 379 16.86 -24.75 28.84
C GLN A 379 16.35 -26.05 28.24
N GLY A 380 17.24 -26.72 27.52
CA GLY A 380 16.90 -27.98 26.89
C GLY A 380 15.79 -27.93 25.85
N GLN A 381 15.59 -26.77 25.22
CA GLN A 381 14.54 -26.63 24.21
C GLN A 381 15.09 -26.30 22.84
N THR A 382 14.38 -26.71 21.79
CA THR A 382 14.79 -26.44 20.43
C THR A 382 13.63 -25.86 19.63
N ARG A 383 13.93 -25.34 18.44
CA ARG A 383 12.95 -24.75 17.55
C ARG A 383 13.35 -24.89 16.10
N THR A 384 12.37 -24.95 15.22
CA THR A 384 12.62 -24.94 13.79
C THR A 384 11.88 -23.64 13.46
N PHE A 385 10.58 -23.64 13.71
CA PHE A 385 9.75 -22.48 13.50
C PHE A 385 9.07 -22.07 14.81
N LEU A 386 8.43 -20.91 14.81
CA LEU A 386 7.78 -20.38 15.99
C LEU A 386 6.60 -21.19 16.52
N LEU A 387 6.58 -21.33 17.84
CA LEU A 387 5.50 -22.02 18.53
C LEU A 387 4.63 -20.94 19.16
N ASP A 388 3.38 -21.27 19.46
CA ASP A 388 2.47 -20.31 20.09
C ASP A 388 3.08 -19.96 21.44
N GLY A 389 3.04 -18.69 21.79
CA GLY A 389 3.60 -18.28 23.07
C GLY A 389 5.01 -17.74 22.95
N ASP A 390 5.68 -18.04 21.85
CA ASP A 390 7.04 -17.56 21.62
C ASP A 390 7.04 -16.05 21.42
N GLU A 391 8.00 -15.39 22.04
CA GLU A 391 8.17 -13.96 21.90
C GLU A 391 9.51 -13.70 21.25
N VAL A 392 9.50 -12.86 20.22
CA VAL A 392 10.73 -12.50 19.50
C VAL A 392 10.96 -11.01 19.78
N ILE A 393 12.20 -10.67 20.12
CA ILE A 393 12.57 -9.28 20.39
C ILE A 393 13.85 -8.95 19.63
N ILE A 394 13.74 -7.96 18.76
CA ILE A 394 14.86 -7.51 17.98
C ILE A 394 15.34 -6.19 18.60
N THR A 395 16.66 -6.07 18.71
CA THR A 395 17.27 -4.85 19.25
C THR A 395 18.43 -4.50 18.32
N GLY A 396 18.87 -3.24 18.37
CA GLY A 396 19.97 -2.81 17.53
C GLY A 396 20.66 -1.60 18.12
N HIS A 397 21.93 -1.43 17.81
CA HIS A 397 22.69 -0.30 18.33
C HIS A 397 24.00 -0.07 17.59
N CYS A 398 24.41 1.19 17.55
CA CYS A 398 25.67 1.58 16.95
C CYS A 398 26.57 1.88 18.13
N GLN A 399 27.80 1.36 18.10
CA GLN A 399 28.72 1.57 19.20
C GLN A 399 29.71 2.69 18.92
N GLY A 400 29.60 3.76 19.69
CA GLY A 400 30.51 4.88 19.56
C GLY A 400 31.50 4.82 20.70
N ASP A 401 32.35 5.85 20.81
CA ASP A 401 33.34 5.90 21.89
C ASP A 401 32.70 6.48 23.15
N GLY A 402 32.36 5.61 24.09
CA GLY A 402 31.74 6.06 25.33
C GLY A 402 30.22 6.19 25.30
N TYR A 403 29.62 6.06 24.12
CA TYR A 403 28.18 6.18 23.98
C TYR A 403 27.71 5.22 22.91
N ARG A 404 26.39 5.05 22.80
CA ARG A 404 25.82 4.17 21.80
C ARG A 404 24.49 4.73 21.32
N VAL A 405 24.22 4.56 20.03
CA VAL A 405 22.97 5.02 19.45
C VAL A 405 22.12 3.77 19.33
N GLY A 406 21.13 3.63 20.21
CA GLY A 406 20.26 2.48 20.23
C GLY A 406 18.89 2.69 19.62
N PHE A 407 18.26 1.57 19.26
CA PHE A 407 16.94 1.59 18.63
C PHE A 407 15.78 1.13 19.50
N GLY A 408 16.05 0.77 20.76
CA GLY A 408 14.96 0.29 21.60
C GLY A 408 14.58 -1.11 21.17
N GLN A 409 13.32 -1.50 21.36
CA GLN A 409 12.86 -2.84 21.00
C GLN A 409 11.86 -2.93 19.86
N CYS A 410 11.85 -4.09 19.21
CA CYS A 410 10.90 -4.42 18.14
C CYS A 410 10.48 -5.83 18.58
N ALA A 411 9.49 -5.87 19.47
CA ALA A 411 9.01 -7.09 20.08
C ALA A 411 7.63 -7.52 19.64
N GLY A 412 7.37 -8.81 19.83
CA GLY A 412 6.07 -9.38 19.50
C GLY A 412 5.96 -10.80 20.00
N LYS A 413 4.80 -11.15 20.55
CA LYS A 413 4.54 -12.49 21.05
C LYS A 413 3.46 -13.16 20.21
N VAL A 414 3.66 -14.43 19.89
CA VAL A 414 2.73 -15.18 19.06
C VAL A 414 1.52 -15.71 19.84
N LEU A 415 0.33 -15.39 19.35
CA LEU A 415 -0.93 -15.85 19.96
C LEU A 415 -1.41 -17.01 19.11
N PRO A 416 -2.10 -17.97 19.73
CA PRO A 416 -2.64 -19.13 19.01
C PRO A 416 -3.61 -18.72 17.91
N ALA A 417 -3.74 -19.54 16.88
CA ALA A 417 -4.67 -19.23 15.80
C ALA A 417 -6.09 -19.24 16.34
N LEU A 418 -6.88 -18.32 15.80
CA LEU A 418 -8.29 -18.13 16.14
C LEU A 418 -9.11 -19.26 15.54
N SER A 419 -9.28 -19.27 14.30
N GLY B 1 -40.14 2.29 -13.87
CA GLY B 1 -39.12 3.35 -13.82
C GLY B 1 -39.27 4.26 -12.62
N SER B 2 -38.48 5.31 -12.57
CA SER B 2 -38.52 6.25 -11.47
C SER B 2 -38.07 7.55 -12.07
N MSE B 3 -38.48 8.68 -11.49
CA MSE B 3 -38.09 9.96 -12.03
C MSE B 3 -37.76 10.96 -10.94
O MSE B 3 -38.31 10.91 -9.83
CB MSE B 3 -39.20 10.54 -12.92
CG MSE B 3 -38.81 10.81 -14.37
SE MSE B 3 -38.32 9.31 -15.30
CE MSE B 3 -36.52 9.61 -15.62
N SER B 4 -36.85 11.87 -11.26
CA SER B 4 -36.45 12.92 -10.34
C SER B 4 -37.02 14.22 -10.89
N PHE B 5 -37.05 15.26 -10.07
CA PHE B 5 -37.50 16.57 -10.54
C PHE B 5 -36.37 17.11 -11.43
N ILE B 6 -35.18 16.53 -11.31
CA ILE B 6 -34.06 16.93 -12.14
C ILE B 6 -34.22 16.13 -13.44
N PRO B 7 -34.21 16.81 -14.59
CA PRO B 7 -34.36 16.17 -15.91
C PRO B 7 -33.22 15.18 -16.15
N VAL B 8 -33.56 13.96 -16.58
CA VAL B 8 -32.54 12.94 -16.86
C VAL B 8 -32.72 12.33 -18.26
N ALA B 9 -31.73 12.54 -19.13
CA ALA B 9 -31.78 12.00 -20.48
C ALA B 9 -31.84 10.48 -20.36
N GLU B 10 -32.62 9.84 -21.23
CA GLU B 10 -32.77 8.38 -21.19
C GLU B 10 -31.44 7.60 -21.16
N ASP B 11 -30.41 8.11 -21.83
CA ASP B 11 -29.12 7.42 -21.84
C ASP B 11 -28.07 7.98 -20.88
N SER B 12 -28.50 8.82 -19.94
CA SER B 12 -27.61 9.39 -18.96
C SER B 12 -27.04 8.31 -18.04
N ASP B 13 -25.79 8.48 -17.62
CA ASP B 13 -25.14 7.55 -16.72
C ASP B 13 -25.70 7.70 -15.32
N PHE B 14 -26.32 8.85 -15.07
CA PHE B 14 -26.82 9.19 -13.74
C PHE B 14 -28.30 9.38 -13.46
N PRO B 15 -29.13 8.35 -13.72
CA PRO B 15 -30.56 8.52 -13.44
C PRO B 15 -30.77 8.41 -11.93
N ILE B 16 -32.02 8.52 -11.47
CA ILE B 16 -32.30 8.43 -10.04
C ILE B 16 -32.01 7.00 -9.51
N GLN B 17 -31.90 6.03 -10.41
CA GLN B 17 -31.59 4.65 -10.03
C GLN B 17 -30.10 4.47 -9.70
N ASN B 18 -29.25 5.43 -10.05
CA ASN B 18 -27.82 5.30 -9.79
C ASN B 18 -27.40 5.96 -8.49
N LEU B 19 -27.27 7.30 -8.52
CA LEU B 19 -26.89 8.11 -7.37
C LEU B 19 -25.51 7.74 -6.78
N PRO B 20 -24.45 7.92 -7.57
CA PRO B 20 -23.07 7.62 -7.16
C PRO B 20 -22.53 8.73 -6.27
N TYR B 21 -21.49 8.42 -5.50
CA TYR B 21 -20.86 9.37 -4.59
C TYR B 21 -19.50 9.82 -5.14
N GLY B 22 -19.19 11.10 -5.02
CA GLY B 22 -17.93 11.61 -5.50
C GLY B 22 -17.46 12.80 -4.70
N VAL B 23 -16.25 13.26 -4.97
CA VAL B 23 -15.63 14.41 -4.31
C VAL B 23 -15.36 15.41 -5.41
N PHE B 24 -15.83 16.64 -5.24
CA PHE B 24 -15.64 17.66 -6.27
C PHE B 24 -15.38 19.03 -5.67
N SER B 25 -14.99 19.95 -6.52
CA SER B 25 -14.76 21.35 -6.13
C SER B 25 -15.19 22.13 -7.38
N THR B 26 -15.28 23.44 -7.25
CA THR B 26 -15.68 24.30 -8.36
C THR B 26 -14.84 25.57 -8.36
N GLN B 27 -14.92 26.34 -9.44
CA GLN B 27 -14.20 27.61 -9.53
C GLN B 27 -14.61 28.54 -8.39
N SER B 28 -15.87 28.49 -8.01
CA SER B 28 -16.41 29.33 -6.93
C SER B 28 -15.99 28.91 -5.52
N ASN B 29 -15.74 27.62 -5.36
CA ASN B 29 -15.36 27.08 -4.05
C ASN B 29 -14.33 25.96 -4.27
N PRO B 30 -13.07 26.21 -3.83
CA PRO B 30 -11.96 25.25 -3.96
C PRO B 30 -11.98 24.08 -2.98
N LYS B 31 -12.85 24.10 -1.99
CA LYS B 31 -12.88 23.01 -1.02
C LYS B 31 -13.47 21.72 -1.58
N PRO B 32 -12.67 20.63 -1.57
CA PRO B 32 -13.18 19.35 -2.10
C PRO B 32 -14.34 18.94 -1.19
N ARG B 33 -15.47 18.60 -1.80
CA ARG B 33 -16.66 18.25 -1.04
C ARG B 33 -17.43 17.09 -1.66
N ILE B 34 -18.24 16.44 -0.83
CA ILE B 34 -19.02 15.28 -1.23
C ILE B 34 -20.30 15.64 -2.00
N GLY B 35 -20.46 14.98 -3.15
CA GLY B 35 -21.62 15.20 -4.00
C GLY B 35 -22.15 13.90 -4.60
N VAL B 36 -23.38 13.99 -5.08
CA VAL B 36 -24.05 12.85 -5.71
C VAL B 36 -24.48 13.29 -7.10
N ALA B 37 -24.18 12.48 -8.10
CA ALA B 37 -24.54 12.81 -9.47
C ALA B 37 -25.98 12.45 -9.77
N ILE B 38 -26.69 13.35 -10.46
CA ILE B 38 -28.08 13.16 -10.85
C ILE B 38 -28.25 13.96 -12.14
N GLY B 39 -28.56 13.27 -13.23
CA GLY B 39 -28.70 13.94 -14.50
C GLY B 39 -27.36 14.53 -14.87
N ASP B 40 -27.32 15.83 -15.18
CA ASP B 40 -26.07 16.49 -15.52
C ASP B 40 -25.62 17.42 -14.39
N GLN B 41 -26.24 17.24 -13.23
CA GLN B 41 -25.96 18.04 -12.03
C GLN B 41 -25.29 17.23 -10.94
N ILE B 42 -24.90 17.93 -9.87
CA ILE B 42 -24.30 17.31 -8.70
C ILE B 42 -25.01 17.90 -7.51
N LEU B 43 -25.45 17.05 -6.60
CA LEU B 43 -26.11 17.47 -5.37
C LEU B 43 -25.05 17.47 -4.27
N ASP B 44 -24.78 18.65 -3.73
CA ASP B 44 -23.80 18.87 -2.67
C ASP B 44 -24.36 18.33 -1.35
N LEU B 45 -23.80 17.21 -0.87
CA LEU B 45 -24.30 16.63 0.38
C LEU B 45 -24.03 17.47 1.62
N SER B 46 -22.97 18.25 1.63
CA SER B 46 -22.71 19.07 2.81
C SER B 46 -23.79 20.16 2.96
N VAL B 47 -24.33 20.65 1.85
CA VAL B 47 -25.38 21.67 1.86
C VAL B 47 -26.70 21.12 2.42
N ILE B 48 -26.99 19.85 2.13
CA ILE B 48 -28.24 19.24 2.58
C ILE B 48 -28.08 18.19 3.69
N LYS B 49 -26.91 18.11 4.31
CA LYS B 49 -26.65 17.12 5.36
C LYS B 49 -27.67 17.12 6.50
N HIS B 50 -28.25 18.29 6.78
CA HIS B 50 -29.23 18.43 7.86
C HIS B 50 -30.56 17.74 7.53
N LEU B 51 -30.71 17.30 6.28
CA LEU B 51 -31.92 16.62 5.85
C LEU B 51 -31.84 15.13 6.17
N PHE B 52 -30.65 14.66 6.53
CA PHE B 52 -30.47 13.25 6.87
C PHE B 52 -30.86 13.08 8.34
N THR B 53 -32.17 13.13 8.57
CA THR B 53 -32.76 13.05 9.91
C THR B 53 -32.94 11.63 10.48
N GLY B 54 -32.68 10.61 9.66
CA GLY B 54 -32.83 9.24 10.12
C GLY B 54 -31.96 8.86 11.30
N PRO B 55 -32.18 7.66 11.88
CA PRO B 55 -31.47 7.10 13.03
C PRO B 55 -29.97 6.84 12.81
N ALA B 56 -29.63 6.38 11.63
CA ALA B 56 -28.25 6.04 11.31
C ALA B 56 -27.37 7.23 10.98
N LEU B 57 -27.98 8.33 10.54
CA LEU B 57 -27.21 9.49 10.14
C LEU B 57 -27.37 10.77 10.95
N SER B 58 -28.49 10.92 11.67
CA SER B 58 -28.76 12.14 12.43
C SER B 58 -27.59 12.60 13.31
N LYS B 59 -26.85 11.65 13.86
CA LYS B 59 -25.71 11.97 14.72
C LYS B 59 -24.39 11.75 13.99
N HIS B 60 -24.44 11.67 12.66
CA HIS B 60 -23.25 11.44 11.85
C HIS B 60 -23.23 12.30 10.59
N GLN B 61 -23.99 13.39 10.61
CA GLN B 61 -24.06 14.29 9.44
C GLN B 61 -22.72 14.87 9.03
N HIS B 62 -21.82 14.98 9.99
CA HIS B 62 -20.48 15.51 9.76
C HIS B 62 -19.70 14.74 8.67
N VAL B 63 -20.06 13.46 8.44
CA VAL B 63 -19.36 12.68 7.42
C VAL B 63 -19.58 13.25 6.03
N PHE B 64 -20.63 14.03 5.86
CA PHE B 64 -20.92 14.62 4.55
C PHE B 64 -20.21 15.95 4.38
N ASP B 65 -19.46 16.33 5.40
CA ASP B 65 -18.68 17.57 5.40
C ASP B 65 -17.22 17.33 5.07
N GLU B 66 -16.82 16.07 5.12
CA GLU B 66 -15.43 15.67 4.87
C GLU B 66 -14.99 15.89 3.44
N THR B 67 -13.68 15.95 3.25
CA THR B 67 -13.11 16.14 1.92
C THR B 67 -12.96 14.80 1.19
N THR B 68 -13.25 13.71 1.89
CA THR B 68 -13.19 12.36 1.30
C THR B 68 -14.38 11.52 1.80
N LEU B 69 -14.69 10.44 1.10
CA LEU B 69 -15.78 9.55 1.46
C LEU B 69 -15.47 8.51 2.54
N ASN B 70 -14.20 8.43 2.97
CA ASN B 70 -13.80 7.44 3.97
C ASN B 70 -14.71 7.28 5.18
N ASN B 71 -15.04 8.36 5.86
CA ASN B 71 -15.88 8.28 7.04
C ASN B 71 -17.28 7.76 6.71
N PHE B 72 -17.83 8.21 5.59
CA PHE B 72 -19.15 7.74 5.18
C PHE B 72 -19.05 6.25 4.86
N MSE B 73 -17.99 5.85 4.17
CA MSE B 73 -17.77 4.44 3.82
C MSE B 73 -17.66 3.60 5.10
O MSE B 73 -18.24 2.51 5.18
CB MSE B 73 -16.48 4.27 3.00
CG MSE B 73 -16.53 4.85 1.59
SE MSE B 73 -14.90 4.82 0.72
CE MSE B 73 -15.35 5.35 -0.95
N GLY B 74 -16.95 4.12 6.10
CA GLY B 74 -16.76 3.42 7.35
C GLY B 74 -17.99 3.26 8.23
N LEU B 75 -19.06 4.00 7.95
CA LEU B 75 -20.29 3.90 8.74
C LEU B 75 -21.04 2.57 8.62
N GLY B 76 -20.93 1.91 7.47
CA GLY B 76 -21.62 0.64 7.32
C GLY B 76 -22.90 0.70 6.50
N GLN B 77 -23.42 -0.47 6.15
CA GLN B 77 -24.61 -0.55 5.30
C GLN B 77 -25.90 0.10 5.78
N ALA B 78 -26.16 0.11 7.09
CA ALA B 78 -27.38 0.74 7.60
C ALA B 78 -27.36 2.22 7.21
N ALA B 79 -26.19 2.84 7.38
CA ALA B 79 -26.00 4.24 7.04
C ALA B 79 -26.11 4.47 5.52
N TRP B 80 -25.51 3.60 4.73
CA TRP B 80 -25.56 3.70 3.27
C TRP B 80 -27.00 3.62 2.78
N LYS B 81 -27.73 2.61 3.25
CA LYS B 81 -29.11 2.42 2.84
C LYS B 81 -30.01 3.57 3.26
N GLU B 82 -29.73 4.15 4.42
CA GLU B 82 -30.53 5.28 4.88
C GLU B 82 -30.24 6.50 4.02
N ALA B 83 -28.96 6.71 3.71
CA ALA B 83 -28.54 7.83 2.89
C ALA B 83 -29.19 7.73 1.50
N ARG B 84 -29.16 6.52 0.94
CA ARG B 84 -29.73 6.27 -0.38
C ARG B 84 -31.24 6.50 -0.39
N ALA B 85 -31.96 5.94 0.59
CA ALA B 85 -33.41 6.12 0.68
C ALA B 85 -33.75 7.62 0.83
N SER B 86 -32.98 8.33 1.63
CA SER B 86 -33.21 9.77 1.82
C SER B 86 -33.06 10.51 0.48
N LEU B 87 -31.98 10.22 -0.23
CA LEU B 87 -31.69 10.85 -1.52
C LEU B 87 -32.75 10.53 -2.56
N GLN B 88 -33.23 9.29 -2.55
CA GLN B 88 -34.24 8.89 -3.51
C GLN B 88 -35.53 9.65 -3.29
N ASN B 89 -35.86 9.88 -2.02
CA ASN B 89 -37.06 10.62 -1.66
C ASN B 89 -36.88 12.09 -2.03
N LEU B 90 -35.80 12.68 -1.55
CA LEU B 90 -35.50 14.09 -1.82
C LEU B 90 -35.38 14.46 -3.29
N LEU B 91 -34.83 13.56 -4.10
CA LEU B 91 -34.70 13.84 -5.54
C LEU B 91 -35.92 13.41 -6.34
N SER B 92 -36.90 12.84 -5.66
CA SER B 92 -38.10 12.39 -6.33
C SER B 92 -38.88 13.53 -6.95
N ALA B 93 -39.43 13.28 -8.13
CA ALA B 93 -40.22 14.26 -8.85
C ALA B 93 -41.47 14.66 -8.07
N SER B 94 -41.93 13.78 -7.19
CA SER B 94 -43.12 14.06 -6.40
C SER B 94 -42.86 14.63 -5.00
N GLN B 95 -41.60 14.66 -4.56
CA GLN B 95 -41.28 15.18 -3.24
C GLN B 95 -41.01 16.69 -3.33
N ALA B 96 -41.65 17.44 -2.44
CA ALA B 96 -41.54 18.89 -2.43
C ALA B 96 -40.41 19.47 -1.58
N ARG B 97 -40.00 18.78 -0.52
CA ARG B 97 -38.96 19.31 0.38
C ARG B 97 -37.81 20.07 -0.29
N LEU B 98 -37.06 19.39 -1.14
CA LEU B 98 -35.94 20.02 -1.83
C LEU B 98 -36.41 20.69 -3.12
N ARG B 99 -37.25 20.00 -3.88
CA ARG B 99 -37.79 20.48 -5.14
C ARG B 99 -38.34 21.92 -5.08
N ASP B 100 -39.09 22.21 -4.04
CA ASP B 100 -39.74 23.52 -3.90
C ASP B 100 -39.01 24.54 -3.02
N ASP B 101 -37.83 24.19 -2.53
CA ASP B 101 -37.06 25.12 -1.72
C ASP B 101 -36.13 25.80 -2.72
N LYS B 102 -36.59 26.91 -3.31
CA LYS B 102 -35.81 27.65 -4.29
C LYS B 102 -34.37 28.01 -3.87
N GLU B 103 -34.20 28.58 -2.69
CA GLU B 103 -32.87 28.98 -2.22
C GLU B 103 -31.97 27.80 -1.87
N LEU B 104 -32.51 26.78 -1.21
CA LEU B 104 -31.71 25.61 -0.85
C LEU B 104 -31.25 24.93 -2.12
N ARG B 105 -32.22 24.71 -3.02
CA ARG B 105 -31.99 24.08 -4.30
C ARG B 105 -30.87 24.81 -5.08
N GLN B 106 -30.90 26.14 -5.04
CA GLN B 106 -29.90 26.94 -5.74
C GLN B 106 -28.47 26.66 -5.27
N ARG B 107 -28.24 26.61 -3.97
CA ARG B 107 -26.89 26.33 -3.49
C ARG B 107 -26.55 24.86 -3.28
N ALA B 108 -27.53 23.99 -3.47
CA ALA B 108 -27.31 22.56 -3.30
C ALA B 108 -26.89 21.90 -4.61
N PHE B 109 -27.23 22.50 -5.74
CA PHE B 109 -26.87 21.92 -7.04
C PHE B 109 -25.80 22.69 -7.79
N THR B 110 -25.00 21.95 -8.56
CA THR B 110 -23.96 22.54 -9.39
C THR B 110 -23.90 21.69 -10.65
N SER B 111 -23.59 22.31 -11.78
CA SER B 111 -23.48 21.59 -13.04
C SER B 111 -22.21 20.70 -13.02
N GLN B 112 -22.34 19.49 -13.56
CA GLN B 112 -21.18 18.60 -13.65
C GLN B 112 -20.13 19.23 -14.56
N ALA B 113 -20.58 20.03 -15.52
CA ALA B 113 -19.67 20.68 -16.45
C ALA B 113 -18.76 21.70 -15.74
N SER B 114 -19.21 22.20 -14.59
CA SER B 114 -18.44 23.19 -13.81
C SER B 114 -17.56 22.55 -12.74
N ALA B 115 -17.69 21.25 -12.54
CA ALA B 115 -16.96 20.60 -11.47
C ALA B 115 -15.67 19.91 -11.80
N THR B 116 -14.75 20.00 -10.85
CA THR B 116 -13.47 19.33 -10.96
C THR B 116 -13.57 18.16 -10.00
N MSE B 117 -13.45 16.93 -10.52
CA MSE B 117 -13.54 15.75 -9.66
C MSE B 117 -12.19 15.41 -9.03
O MSE B 117 -11.14 15.64 -9.63
CB MSE B 117 -14.06 14.55 -10.44
CG MSE B 117 -15.41 14.76 -11.13
SE MSE B 117 -16.78 15.26 -10.00
CE MSE B 117 -16.79 13.74 -8.81
N HIS B 118 -12.24 14.90 -7.81
CA HIS B 118 -11.02 14.52 -7.09
C HIS B 118 -11.11 13.04 -6.75
N LEU B 119 -10.05 12.46 -6.20
CA LEU B 119 -10.11 11.06 -5.80
C LEU B 119 -11.22 10.96 -4.76
N PRO B 120 -12.09 9.95 -4.87
CA PRO B 120 -13.21 9.76 -3.94
C PRO B 120 -12.82 9.50 -2.50
N ALA B 121 -11.64 8.92 -2.29
CA ALA B 121 -11.23 8.60 -0.93
C ALA B 121 -9.73 8.51 -0.80
N THR B 122 -9.28 8.51 0.45
CA THR B 122 -7.87 8.37 0.76
C THR B 122 -7.66 6.85 0.87
N ILE B 123 -6.99 6.28 -0.12
CA ILE B 123 -6.75 4.84 -0.18
C ILE B 123 -5.54 4.39 0.65
N GLY B 124 -5.79 3.74 1.78
CA GLY B 124 -4.72 3.25 2.64
C GLY B 124 -3.93 2.12 2.00
N ASP B 125 -4.63 1.18 1.39
CA ASP B 125 -4.00 0.05 0.72
C ASP B 125 -4.80 -0.29 -0.53
N TYR B 126 -4.08 -0.53 -1.61
CA TYR B 126 -4.67 -0.91 -2.88
C TYR B 126 -4.18 -2.34 -3.17
N THR B 127 -5.10 -3.20 -3.58
CA THR B 127 -4.77 -4.58 -3.88
C THR B 127 -5.28 -4.93 -5.28
N ASP B 128 -4.43 -5.57 -6.08
CA ASP B 128 -4.84 -5.97 -7.41
C ASP B 128 -4.98 -7.49 -7.50
N PHE B 129 -6.19 -7.96 -7.77
CA PHE B 129 -6.42 -9.39 -7.92
C PHE B 129 -6.14 -9.77 -9.37
N TYR B 130 -6.32 -11.03 -9.71
CA TYR B 130 -6.00 -11.52 -11.05
C TYR B 130 -7.09 -12.56 -11.40
N SER B 131 -8.34 -12.20 -11.13
CA SER B 131 -9.49 -13.08 -11.27
C SER B 131 -10.13 -13.40 -12.63
N SER B 132 -9.63 -12.83 -13.71
CA SER B 132 -10.19 -13.12 -15.02
C SER B 132 -9.49 -14.35 -15.58
N ARG B 133 -10.23 -15.43 -15.77
CA ARG B 133 -9.64 -16.67 -16.26
C ARG B 133 -8.99 -16.55 -17.64
N GLN B 134 -9.66 -15.93 -18.59
CA GLN B 134 -9.07 -15.81 -19.92
C GLN B 134 -7.81 -14.93 -19.89
N HIS B 135 -7.80 -13.91 -19.05
CA HIS B 135 -6.63 -13.04 -18.98
C HIS B 135 -5.41 -13.85 -18.52
N ALA B 136 -5.54 -14.54 -17.39
CA ALA B 136 -4.46 -15.35 -16.86
C ALA B 136 -4.05 -16.43 -17.86
N THR B 137 -5.03 -17.03 -18.54
CA THR B 137 -4.78 -18.05 -19.55
C THR B 137 -3.98 -17.45 -20.72
N ASN B 138 -4.38 -16.28 -21.21
CA ASN B 138 -3.69 -15.63 -22.32
C ASN B 138 -2.23 -15.33 -21.95
N VAL B 139 -2.02 -14.71 -20.79
CA VAL B 139 -0.68 -14.40 -20.33
C VAL B 139 0.10 -15.72 -20.18
N GLY B 140 -0.57 -16.74 -19.66
CA GLY B 140 0.07 -18.03 -19.49
C GLY B 140 0.57 -18.61 -20.79
N ILE B 141 -0.27 -18.57 -21.82
CA ILE B 141 0.08 -19.09 -23.14
C ILE B 141 1.29 -18.37 -23.73
N MSE B 142 1.30 -17.05 -23.60
CA MSE B 142 2.41 -16.26 -24.14
C MSE B 142 3.72 -16.53 -23.40
O MSE B 142 4.78 -16.56 -24.02
CB MSE B 142 2.09 -14.76 -24.06
CG MSE B 142 0.85 -14.32 -24.80
SE MSE B 142 0.61 -12.51 -24.58
CE MSE B 142 -0.75 -12.22 -25.53
N PHE B 143 3.62 -16.73 -22.10
CA PHE B 143 4.77 -16.96 -21.24
C PHE B 143 5.33 -18.38 -21.20
N ARG B 144 4.44 -19.34 -20.94
CA ARG B 144 4.83 -20.73 -20.81
C ARG B 144 4.40 -21.61 -21.96
N GLY B 145 3.25 -21.30 -22.54
CA GLY B 145 2.75 -22.08 -23.64
C GLY B 145 1.31 -22.51 -23.43
N LYS B 146 0.71 -23.00 -24.51
CA LYS B 146 -0.69 -23.44 -24.50
C LYS B 146 -0.99 -24.51 -23.45
N GLU B 147 -0.04 -25.41 -23.24
CA GLU B 147 -0.21 -26.52 -22.30
C GLU B 147 -0.12 -26.16 -20.82
N ASN B 148 0.70 -25.16 -20.50
CA ASN B 148 0.89 -24.78 -19.10
C ASN B 148 0.45 -23.34 -18.88
N ALA B 149 -0.72 -22.98 -19.40
CA ALA B 149 -1.25 -21.63 -19.28
C ALA B 149 -1.41 -21.21 -17.81
N LEU B 150 -2.40 -21.76 -17.13
CA LEU B 150 -2.63 -21.41 -15.73
C LEU B 150 -1.64 -22.10 -14.79
N LEU B 151 -1.23 -21.39 -13.75
CA LEU B 151 -0.31 -21.91 -12.74
C LEU B 151 -1.14 -22.73 -11.74
N PRO B 152 -0.51 -23.66 -11.00
CA PRO B 152 -1.18 -24.53 -10.01
C PRO B 152 -2.23 -23.95 -9.07
N ASN B 153 -1.94 -22.78 -8.51
CA ASN B 153 -2.84 -22.16 -7.53
C ASN B 153 -4.02 -21.33 -8.06
N TRP B 154 -4.02 -20.97 -9.33
CA TRP B 154 -5.07 -20.11 -9.88
C TRP B 154 -6.51 -20.51 -9.57
N LEU B 155 -6.84 -21.78 -9.80
CA LEU B 155 -8.21 -22.27 -9.54
C LEU B 155 -8.52 -22.54 -8.06
N HIS B 156 -7.55 -22.35 -7.18
CA HIS B 156 -7.77 -22.63 -5.77
C HIS B 156 -7.93 -21.42 -4.89
N LEU B 157 -7.36 -20.30 -5.31
CA LEU B 157 -7.46 -19.09 -4.53
C LEU B 157 -7.43 -17.87 -5.43
N PRO B 158 -8.05 -16.75 -4.98
CA PRO B 158 -8.03 -15.54 -5.80
C PRO B 158 -6.64 -14.91 -5.65
N VAL B 159 -5.70 -15.27 -6.51
CA VAL B 159 -4.36 -14.69 -6.42
C VAL B 159 -4.42 -13.17 -6.62
N GLY B 160 -3.55 -12.45 -5.92
CA GLY B 160 -3.50 -11.00 -6.03
C GLY B 160 -2.22 -10.49 -5.38
N TYR B 161 -1.93 -9.21 -5.53
CA TYR B 161 -0.73 -8.62 -4.94
C TYR B 161 -1.06 -7.22 -4.44
N HIS B 162 -0.21 -6.70 -3.57
CA HIS B 162 -0.38 -5.35 -3.04
C HIS B 162 0.12 -4.39 -4.13
N GLY B 163 -0.70 -3.39 -4.44
CA GLY B 163 -0.30 -2.42 -5.44
C GLY B 163 0.20 -1.16 -4.77
N ARG B 164 0.52 -0.14 -5.56
CA ARG B 164 0.99 1.13 -5.03
C ARG B 164 -0.20 2.08 -4.87
N ALA B 165 -0.43 2.53 -3.65
CA ALA B 165 -1.55 3.42 -3.37
C ALA B 165 -1.32 4.87 -3.82
N SER B 166 -0.12 5.39 -3.61
CA SER B 166 0.20 6.77 -3.95
C SER B 166 -0.04 7.19 -5.40
N SER B 167 0.18 6.27 -6.33
CA SER B 167 0.04 6.55 -7.75
C SER B 167 -1.33 6.31 -8.38
N ILE B 168 -2.35 6.11 -7.54
CA ILE B 168 -3.70 5.94 -8.03
C ILE B 168 -4.18 7.38 -8.21
N VAL B 169 -4.47 7.73 -9.45
CA VAL B 169 -4.91 9.08 -9.78
C VAL B 169 -6.31 9.13 -10.37
N VAL B 170 -6.93 10.29 -10.32
CA VAL B 170 -8.29 10.47 -10.81
C VAL B 170 -8.30 10.62 -12.35
N SER B 171 -9.44 10.24 -12.92
CA SER B 171 -9.65 10.32 -14.37
C SER B 171 -9.24 11.70 -14.89
N GLY B 172 -8.51 11.71 -16.00
CA GLY B 172 -8.07 12.96 -16.60
C GLY B 172 -6.60 13.28 -16.32
N THR B 173 -6.00 12.61 -15.35
CA THR B 173 -4.59 12.85 -15.01
C THR B 173 -3.64 12.33 -16.08
N PRO B 174 -2.76 13.21 -16.60
CA PRO B 174 -1.81 12.79 -17.63
C PRO B 174 -0.84 11.76 -17.03
N ILE B 175 -0.47 10.76 -17.81
CA ILE B 175 0.43 9.70 -17.37
C ILE B 175 1.69 9.73 -18.23
N ARG B 176 2.83 10.01 -17.61
CA ARG B 176 4.07 10.09 -18.37
C ARG B 176 4.70 8.72 -18.60
N ARG B 177 5.06 8.43 -19.85
CA ARG B 177 5.72 7.18 -20.20
C ARG B 177 6.88 7.04 -19.20
N PRO B 178 6.96 5.92 -18.49
CA PRO B 178 8.02 5.69 -17.50
C PRO B 178 9.41 5.27 -17.99
N MSE B 179 10.43 5.77 -17.30
CA MSE B 179 11.83 5.43 -17.56
C MSE B 179 12.03 4.26 -16.62
O MSE B 179 11.26 4.08 -15.67
CB MSE B 179 12.77 6.55 -17.09
CG MSE B 179 12.59 7.90 -17.78
SE MSE B 179 13.04 7.80 -19.55
CE MSE B 179 14.82 7.61 -19.45
N GLY B 180 13.06 3.45 -16.86
CA GLY B 180 13.33 2.33 -15.97
C GLY B 180 14.38 1.40 -16.53
N GLN B 181 14.49 0.22 -15.93
CA GLN B 181 15.44 -0.80 -16.35
C GLN B 181 14.70 -1.85 -17.15
N MSE B 182 15.32 -2.35 -18.23
CA MSE B 182 14.72 -3.38 -19.08
C MSE B 182 15.84 -4.22 -19.67
O MSE B 182 17.00 -3.78 -19.70
CB MSE B 182 13.92 -2.79 -20.25
CG MSE B 182 13.04 -1.62 -19.91
SE MSE B 182 13.95 -0.07 -20.16
CE MSE B 182 13.31 0.31 -21.84
N ARG B 183 15.50 -5.40 -20.15
CA ARG B 183 16.49 -6.27 -20.77
C ARG B 183 15.95 -6.80 -22.10
N PRO B 184 16.07 -5.99 -23.17
CA PRO B 184 15.60 -6.32 -24.52
C PRO B 184 16.42 -7.43 -25.17
N ASP B 185 17.67 -7.55 -24.72
CA ASP B 185 18.60 -8.55 -25.27
C ASP B 185 19.14 -9.38 -24.12
N ASN B 186 18.87 -10.67 -24.14
CA ASN B 186 19.31 -11.56 -23.06
C ASN B 186 20.81 -11.83 -23.05
N SER B 187 21.48 -11.51 -24.16
CA SER B 187 22.93 -11.71 -24.28
C SER B 187 23.70 -10.46 -23.87
N LYS B 188 22.99 -9.49 -23.29
CA LYS B 188 23.59 -8.24 -22.86
C LYS B 188 23.06 -7.78 -21.51
N PRO B 189 23.79 -6.89 -20.82
CA PRO B 189 23.32 -6.40 -19.51
C PRO B 189 22.02 -5.62 -19.74
N PRO B 190 21.27 -5.34 -18.65
CA PRO B 190 20.03 -4.57 -18.81
C PRO B 190 20.40 -3.14 -19.21
N VAL B 191 19.40 -2.39 -19.68
CA VAL B 191 19.61 -1.01 -20.07
C VAL B 191 18.63 -0.12 -19.32
N TYR B 192 18.90 1.18 -19.32
CA TYR B 192 18.04 2.17 -18.67
C TYR B 192 17.47 2.99 -19.83
N GLY B 193 16.17 3.26 -19.80
CA GLY B 193 15.58 4.04 -20.86
C GLY B 193 14.08 4.12 -20.73
N ALA B 194 13.45 4.70 -21.74
CA ALA B 194 12.01 4.84 -21.78
C ALA B 194 11.33 3.51 -22.09
N CYS B 195 10.21 3.26 -21.41
CA CYS B 195 9.41 2.06 -21.61
C CYS B 195 9.03 1.96 -23.08
N ARG B 196 9.11 0.76 -23.64
CA ARG B 196 8.77 0.56 -25.06
C ARG B 196 7.50 -0.21 -25.28
N LEU B 197 7.00 -0.81 -24.21
CA LEU B 197 5.77 -1.59 -24.30
C LEU B 197 4.81 -1.07 -23.26
N LEU B 198 4.29 0.15 -23.50
CA LEU B 198 3.36 0.81 -22.58
C LEU B 198 1.96 0.25 -22.88
N ASP B 199 1.24 -0.13 -21.83
CA ASP B 199 -0.06 -0.76 -21.97
C ASP B 199 -1.11 -0.25 -20.98
N MSE B 200 -2.36 -0.60 -21.25
CA MSE B 200 -3.46 -0.24 -20.37
C MSE B 200 -4.02 -1.57 -19.91
O MSE B 200 -3.72 -2.60 -20.52
CB MSE B 200 -4.55 0.56 -21.13
CG MSE B 200 -5.30 -0.19 -22.26
SE MSE B 200 -6.65 -1.39 -21.83
CE MSE B 200 -7.66 -0.38 -20.77
N GLU B 201 -4.78 -1.57 -18.82
CA GLU B 201 -5.43 -2.78 -18.34
C GLU B 201 -6.84 -2.43 -17.86
N LEU B 202 -7.84 -3.00 -18.52
CA LEU B 202 -9.23 -2.76 -18.16
C LEU B 202 -9.55 -3.48 -16.85
N GLU B 203 -9.94 -2.72 -15.83
CA GLU B 203 -10.28 -3.29 -14.54
C GLU B 203 -11.42 -2.53 -13.87
N MSE B 204 -11.95 -3.13 -12.82
CA MSE B 204 -13.00 -2.52 -11.98
C MSE B 204 -12.50 -2.74 -10.55
O MSE B 204 -11.75 -3.70 -10.29
CB MSE B 204 -14.36 -3.18 -12.19
CG MSE B 204 -15.04 -2.84 -13.52
SE MSE B 204 -16.89 -3.13 -13.53
CE MSE B 204 -17.45 -1.56 -12.60
N ALA B 205 -12.84 -1.85 -9.64
CA ALA B 205 -12.39 -1.99 -8.27
C ALA B 205 -13.47 -1.57 -7.30
N PHE B 206 -13.46 -2.15 -6.11
CA PHE B 206 -14.45 -1.81 -5.10
C PHE B 206 -13.78 -1.26 -3.85
N PHE B 207 -14.47 -0.31 -3.21
CA PHE B 207 -14.00 0.30 -1.97
C PHE B 207 -14.53 -0.44 -0.76
N VAL B 208 -13.69 -0.55 0.25
CA VAL B 208 -14.04 -1.22 1.50
C VAL B 208 -14.78 -0.25 2.43
N GLY B 209 -15.80 -0.76 3.11
CA GLY B 209 -16.57 0.06 4.03
C GLY B 209 -15.97 -0.11 5.40
N PRO B 210 -16.75 -0.57 6.40
CA PRO B 210 -16.16 -0.73 7.73
C PRO B 210 -15.07 -1.79 7.59
N GLY B 211 -13.98 -1.65 8.31
CA GLY B 211 -12.95 -2.66 8.19
C GLY B 211 -13.17 -3.78 9.20
N ASN B 212 -12.14 -4.62 9.36
CA ASN B 212 -12.19 -5.71 10.33
C ASN B 212 -11.03 -5.44 11.26
N ARG B 213 -11.14 -5.91 12.50
CA ARG B 213 -10.08 -5.72 13.48
C ARG B 213 -8.84 -6.52 13.07
N PHE B 214 -7.67 -6.00 13.44
CA PHE B 214 -6.40 -6.64 13.16
C PHE B 214 -6.44 -8.03 13.82
N GLY B 215 -6.29 -9.08 13.02
CA GLY B 215 -6.30 -10.44 13.56
C GLY B 215 -7.64 -11.17 13.44
N GLU B 216 -8.68 -10.46 13.04
CA GLU B 216 -10.01 -11.05 12.92
C GLU B 216 -10.49 -11.14 11.47
N PRO B 217 -10.53 -12.35 10.91
CA PRO B 217 -10.98 -12.57 9.52
C PRO B 217 -12.44 -12.17 9.32
N ILE B 218 -12.80 -11.84 8.08
CA ILE B 218 -14.18 -11.51 7.73
C ILE B 218 -14.80 -12.79 7.13
N PRO B 219 -15.80 -13.38 7.81
CA PRO B 219 -16.45 -14.60 7.30
C PRO B 219 -17.09 -14.28 5.95
N ILE B 220 -17.08 -15.22 5.01
CA ILE B 220 -17.68 -14.93 3.71
C ILE B 220 -19.16 -14.56 3.79
N SER B 221 -19.84 -14.97 4.86
CA SER B 221 -21.25 -14.64 5.05
C SER B 221 -21.44 -13.16 5.37
N LYS B 222 -20.36 -12.51 5.80
CA LYS B 222 -20.44 -11.10 6.17
C LYS B 222 -19.70 -10.20 5.18
N ALA B 223 -19.05 -10.81 4.20
CA ALA B 223 -18.27 -10.07 3.21
C ALA B 223 -19.03 -8.92 2.54
N HIS B 224 -20.27 -9.19 2.17
CA HIS B 224 -21.10 -8.19 1.50
C HIS B 224 -21.34 -6.93 2.34
N GLU B 225 -21.20 -7.03 3.66
CA GLU B 225 -21.42 -5.88 4.54
C GLU B 225 -20.26 -4.89 4.49
N HIS B 226 -19.16 -5.31 3.86
CA HIS B 226 -17.97 -4.48 3.78
C HIS B 226 -17.68 -3.90 2.41
N ILE B 227 -18.56 -4.13 1.44
CA ILE B 227 -18.34 -3.62 0.09
C ILE B 227 -19.23 -2.40 -0.13
N PHE B 228 -18.59 -1.25 -0.30
CA PHE B 228 -19.31 0.02 -0.47
C PHE B 228 -19.81 0.32 -1.88
N GLY B 229 -18.90 0.33 -2.85
CA GLY B 229 -19.27 0.65 -4.22
C GLY B 229 -18.11 0.36 -5.15
N MSE B 230 -18.31 0.64 -6.44
CA MSE B 230 -17.32 0.38 -7.46
C MSE B 230 -16.94 1.57 -8.34
O MSE B 230 -17.66 2.55 -8.43
CB MSE B 230 -17.81 -0.73 -8.40
CG MSE B 230 -18.24 -2.06 -7.74
SE MSE B 230 -18.57 -3.36 -9.00
CE MSE B 230 -16.87 -3.78 -9.50
N VAL B 231 -15.77 1.47 -8.99
CA VAL B 231 -15.27 2.47 -9.91
C VAL B 231 -14.56 1.69 -11.03
N LEU B 232 -14.26 2.38 -12.12
CA LEU B 232 -13.53 1.80 -13.25
C LEU B 232 -12.06 2.08 -12.94
N MSE B 233 -11.16 1.24 -13.46
CA MSE B 233 -9.74 1.42 -13.23
C MSE B 233 -8.91 1.01 -14.45
O MSE B 233 -9.27 0.07 -15.15
CB MSE B 233 -9.27 0.59 -12.01
CG MSE B 233 -7.74 0.55 -11.85
SE MSE B 233 -7.14 -0.54 -10.47
CE MSE B 233 -7.54 0.45 -9.09
N ASN B 234 -7.87 1.78 -14.74
CA ASN B 234 -6.95 1.49 -15.82
C ASN B 234 -5.60 1.28 -15.14
N ASP B 235 -5.18 0.03 -15.05
CA ASP B 235 -3.90 -0.28 -14.40
C ASP B 235 -2.79 -0.18 -15.46
N TRP B 236 -2.37 1.06 -15.76
CA TRP B 236 -1.31 1.32 -16.74
C TRP B 236 -0.13 0.41 -16.42
N SER B 237 0.45 -0.16 -17.48
CA SER B 237 1.56 -1.10 -17.33
C SER B 237 2.72 -0.86 -18.29
N ALA B 238 3.93 -1.06 -17.81
CA ALA B 238 5.16 -0.93 -18.59
C ALA B 238 5.64 -2.38 -18.64
N ARG B 239 5.22 -3.10 -19.68
CA ARG B 239 5.50 -4.52 -19.85
C ARG B 239 6.96 -4.97 -19.85
N ASP B 240 7.83 -4.21 -20.51
CA ASP B 240 9.25 -4.55 -20.56
C ASP B 240 9.93 -4.36 -19.20
N ILE B 241 9.57 -3.30 -18.49
CA ILE B 241 10.12 -3.06 -17.16
C ILE B 241 9.62 -4.17 -16.23
N GLN B 242 8.34 -4.49 -16.35
CA GLN B 242 7.72 -5.52 -15.53
C GLN B 242 8.32 -6.90 -15.72
N GLN B 243 8.54 -7.29 -16.97
CA GLN B 243 9.08 -8.61 -17.26
C GLN B 243 10.46 -8.86 -16.64
N TRP B 244 11.31 -7.84 -16.67
CA TRP B 244 12.65 -7.93 -16.13
C TRP B 244 12.69 -7.91 -14.60
N GLU B 245 11.73 -7.22 -13.98
CA GLU B 245 11.72 -7.09 -12.53
C GLU B 245 10.92 -8.10 -11.68
N TYR B 246 9.77 -8.53 -12.19
CA TYR B 246 8.83 -9.35 -11.45
C TYR B 246 9.14 -10.70 -10.80
N VAL B 247 10.12 -11.43 -11.29
CA VAL B 247 10.45 -12.71 -10.65
C VAL B 247 11.53 -12.37 -9.64
N PRO B 248 11.38 -12.80 -8.36
CA PRO B 248 10.27 -13.59 -7.80
C PRO B 248 9.28 -12.83 -6.90
N LEU B 249 9.49 -11.53 -6.71
CA LEU B 249 8.61 -10.78 -5.80
C LEU B 249 7.34 -10.12 -6.36
N GLY B 250 7.13 -10.24 -7.67
CA GLY B 250 5.93 -9.70 -8.29
C GLY B 250 5.99 -8.38 -9.01
N PRO B 251 4.87 -7.93 -9.61
CA PRO B 251 4.77 -6.66 -10.33
C PRO B 251 5.18 -5.53 -9.38
N PHE B 252 5.99 -4.59 -9.86
CA PHE B 252 6.47 -3.51 -9.01
C PHE B 252 6.48 -2.18 -9.78
N LEU B 253 7.64 -1.77 -10.29
CA LEU B 253 7.76 -0.51 -11.04
C LEU B 253 7.04 -0.52 -12.39
N GLY B 254 6.78 -1.71 -12.92
CA GLY B 254 6.07 -1.81 -14.18
C GLY B 254 4.60 -1.46 -14.01
N LYS B 255 4.18 -1.22 -12.76
CA LYS B 255 2.78 -0.91 -12.44
C LYS B 255 2.60 0.40 -11.68
N SER B 256 3.52 0.67 -10.75
CA SER B 256 3.43 1.83 -9.86
C SER B 256 3.60 3.25 -10.38
N PHE B 257 3.88 3.41 -11.68
CA PHE B 257 4.06 4.74 -12.23
C PHE B 257 2.72 5.46 -12.42
N GLY B 258 1.63 4.70 -12.38
CA GLY B 258 0.32 5.29 -12.53
C GLY B 258 -0.80 4.29 -12.68
N THR B 259 -1.91 4.54 -11.99
CA THR B 259 -3.10 3.68 -12.02
C THR B 259 -4.28 4.66 -11.92
N THR B 260 -5.14 4.69 -12.93
CA THR B 260 -6.27 5.62 -12.93
C THR B 260 -7.62 5.00 -12.54
N ILE B 261 -8.41 5.74 -11.78
CA ILE B 261 -9.75 5.30 -11.42
C ILE B 261 -10.76 6.39 -11.74
N SER B 262 -11.99 5.99 -12.07
CA SER B 262 -13.05 6.96 -12.34
C SER B 262 -13.44 7.58 -10.98
N PRO B 263 -13.95 8.82 -10.97
CA PRO B 263 -14.34 9.54 -9.75
C PRO B 263 -15.64 9.16 -9.03
N TRP B 264 -16.64 8.74 -9.79
CA TRP B 264 -17.95 8.41 -9.22
C TRP B 264 -18.09 6.98 -8.71
N VAL B 265 -18.24 6.84 -7.39
CA VAL B 265 -18.36 5.54 -6.78
C VAL B 265 -19.82 5.10 -6.78
N VAL B 266 -20.12 4.14 -7.65
CA VAL B 266 -21.46 3.61 -7.77
C VAL B 266 -21.67 2.64 -6.63
N PRO B 267 -22.64 2.94 -5.73
CA PRO B 267 -22.91 2.06 -4.58
C PRO B 267 -23.39 0.65 -4.97
N MSE B 268 -23.07 -0.35 -4.15
CA MSE B 268 -23.50 -1.72 -4.44
C MSE B 268 -25.01 -1.84 -4.58
O MSE B 268 -25.49 -2.64 -5.38
CB MSE B 268 -22.94 -2.71 -3.41
CG MSE B 268 -21.43 -2.96 -3.48
SE MSE B 268 -20.73 -3.16 -5.16
CE MSE B 268 -21.68 -4.59 -5.82
N ASP B 269 -25.76 -1.03 -3.83
CA ASP B 269 -27.22 -1.05 -3.91
C ASP B 269 -27.74 -0.73 -5.31
N ALA B 270 -27.06 0.17 -6.02
CA ALA B 270 -27.45 0.53 -7.39
C ALA B 270 -27.12 -0.55 -8.40
N LEU B 271 -26.19 -1.43 -8.03
CA LEU B 271 -25.75 -2.51 -8.91
C LEU B 271 -26.50 -3.82 -8.67
N MSE B 272 -27.12 -3.97 -7.50
CA MSE B 272 -27.83 -5.21 -7.19
C MSE B 272 -28.89 -5.65 -8.22
O MSE B 272 -29.10 -6.84 -8.41
CB MSE B 272 -28.42 -5.19 -5.77
CG MSE B 272 -27.40 -5.17 -4.64
SE MSE B 272 -26.02 -6.41 -4.76
CE MSE B 272 -26.89 -7.95 -5.09
N PRO B 273 -29.58 -4.71 -8.88
CA PRO B 273 -30.60 -5.09 -9.88
C PRO B 273 -29.96 -5.80 -11.09
N PHE B 274 -28.64 -5.71 -11.19
CA PHE B 274 -27.92 -6.30 -12.30
C PHE B 274 -27.08 -7.51 -11.90
N VAL B 275 -27.31 -8.02 -10.70
CA VAL B 275 -26.59 -9.19 -10.22
C VAL B 275 -27.13 -10.42 -10.95
N VAL B 276 -26.25 -11.38 -11.17
CA VAL B 276 -26.57 -12.63 -11.85
C VAL B 276 -25.87 -13.75 -11.09
N PRO B 277 -26.31 -15.00 -11.30
CA PRO B 277 -25.68 -16.13 -10.60
C PRO B 277 -24.17 -16.19 -10.84
N ASN B 278 -23.44 -16.65 -9.84
CA ASN B 278 -21.98 -16.75 -9.93
C ASN B 278 -21.55 -17.88 -10.84
N PRO B 279 -20.38 -17.72 -11.48
CA PRO B 279 -19.88 -18.76 -12.39
C PRO B 279 -19.63 -20.05 -11.61
N LYS B 280 -19.80 -21.18 -12.29
CA LYS B 280 -19.57 -22.47 -11.69
C LYS B 280 -18.05 -22.62 -11.55
N GLN B 281 -17.59 -22.95 -10.34
CA GLN B 281 -16.16 -23.12 -10.13
C GLN B 281 -15.80 -24.59 -9.97
N ASP B 282 -14.77 -25.01 -10.70
CA ASP B 282 -14.33 -26.39 -10.66
C ASP B 282 -12.80 -26.37 -10.84
N PRO B 283 -12.05 -26.88 -9.84
CA PRO B 283 -12.49 -27.48 -8.59
C PRO B 283 -13.32 -26.56 -7.72
N LYS B 284 -14.11 -27.17 -6.86
CA LYS B 284 -14.95 -26.45 -5.92
C LYS B 284 -13.98 -25.90 -4.87
N PRO B 285 -14.05 -24.57 -4.59
CA PRO B 285 -13.17 -23.96 -3.60
C PRO B 285 -13.39 -24.49 -2.18
N LEU B 286 -12.41 -24.25 -1.32
CA LEU B 286 -12.49 -24.66 0.07
C LEU B 286 -13.66 -23.94 0.71
N PRO B 287 -14.29 -24.55 1.74
CA PRO B 287 -15.43 -24.01 2.48
C PRO B 287 -15.42 -22.52 2.78
N TYR B 288 -14.29 -21.99 3.23
CA TYR B 288 -14.20 -20.57 3.56
C TYR B 288 -14.45 -19.63 2.37
N LEU B 289 -14.28 -20.16 1.16
CA LEU B 289 -14.47 -19.38 -0.06
C LEU B 289 -15.80 -19.71 -0.75
N CYS B 290 -16.63 -20.52 -0.09
CA CYS B 290 -17.89 -20.94 -0.68
C CYS B 290 -19.07 -20.11 -0.18
N HIS B 291 -19.86 -19.59 -1.12
CA HIS B 291 -21.04 -18.76 -0.81
C HIS B 291 -22.08 -18.97 -1.90
N SER B 292 -23.34 -19.04 -1.51
CA SER B 292 -24.43 -19.22 -2.48
C SER B 292 -24.96 -17.87 -3.01
N GLN B 293 -24.76 -16.81 -2.22
CA GLN B 293 -25.23 -15.48 -2.59
C GLN B 293 -24.75 -15.01 -3.96
N PRO B 294 -25.69 -14.73 -4.91
CA PRO B 294 -25.28 -14.26 -6.23
C PRO B 294 -24.53 -12.95 -6.03
N TYR B 295 -23.38 -12.81 -6.67
CA TYR B 295 -22.60 -11.59 -6.54
C TYR B 295 -21.71 -11.38 -7.75
N THR B 296 -22.26 -11.69 -8.92
CA THR B 296 -21.58 -11.52 -10.19
C THR B 296 -22.47 -10.47 -10.84
N PHE B 297 -21.88 -9.52 -11.55
CA PHE B 297 -22.64 -8.42 -12.15
C PHE B 297 -22.49 -8.23 -13.64
N ASP B 298 -23.62 -7.91 -14.27
CA ASP B 298 -23.69 -7.67 -15.69
C ASP B 298 -23.38 -6.20 -15.96
N ILE B 299 -22.10 -5.90 -16.12
CA ILE B 299 -21.67 -4.53 -16.38
C ILE B 299 -20.91 -4.51 -17.70
N ASN B 300 -21.47 -3.79 -18.68
CA ASN B 300 -20.87 -3.66 -20.00
C ASN B 300 -19.70 -2.70 -19.91
N LEU B 301 -18.54 -3.13 -20.38
CA LEU B 301 -17.34 -2.31 -20.34
C LEU B 301 -16.81 -2.05 -21.76
N SER B 302 -16.23 -0.87 -21.96
CA SER B 302 -15.72 -0.50 -23.26
C SER B 302 -14.44 0.33 -23.09
N VAL B 303 -13.51 0.18 -24.03
CA VAL B 303 -12.27 0.93 -23.99
C VAL B 303 -11.99 1.51 -25.36
N SER B 304 -11.76 2.81 -25.40
CA SER B 304 -11.44 3.49 -26.65
C SER B 304 -10.01 4.04 -26.58
N LEU B 305 -9.42 4.21 -27.75
CA LEU B 305 -8.08 4.77 -27.87
C LEU B 305 -8.15 5.85 -28.95
N LYS B 306 -7.54 6.99 -28.68
CA LYS B 306 -7.52 8.09 -29.64
C LYS B 306 -6.11 8.66 -29.71
N GLY B 307 -5.47 8.49 -30.87
CA GLY B 307 -4.14 9.02 -31.07
C GLY B 307 -4.21 10.52 -31.17
N GLU B 308 -3.08 11.18 -30.97
CA GLU B 308 -3.02 12.64 -31.00
C GLU B 308 -3.45 13.26 -32.33
N GLY B 309 -3.34 12.50 -33.41
CA GLY B 309 -3.73 13.02 -34.72
C GLY B 309 -5.13 12.58 -35.14
N MSE B 310 -5.78 11.74 -34.34
CA MSE B 310 -7.12 11.23 -34.66
C MSE B 310 -8.22 12.17 -34.19
O MSE B 310 -8.08 12.89 -33.21
CB MSE B 310 -7.33 9.83 -34.05
CG MSE B 310 -6.47 8.74 -34.64
SE MSE B 310 -6.56 7.10 -33.79
CE MSE B 310 -8.24 6.96 -33.39
N SER B 311 -9.31 12.22 -34.97
CA SER B 311 -10.47 13.03 -34.63
C SER B 311 -11.56 12.18 -34.00
N GLN B 312 -11.47 10.87 -34.20
CA GLN B 312 -12.46 9.94 -33.68
C GLN B 312 -11.75 8.84 -32.90
N ALA B 313 -12.22 8.56 -31.70
CA ALA B 313 -11.64 7.51 -30.87
C ALA B 313 -12.07 6.14 -31.38
N ALA B 314 -11.16 5.18 -31.33
CA ALA B 314 -11.48 3.82 -31.78
C ALA B 314 -11.76 2.90 -30.60
N THR B 315 -12.87 2.17 -30.67
CA THR B 315 -13.20 1.25 -29.60
C THR B 315 -12.37 -0.01 -29.83
N ILE B 316 -11.44 -0.29 -28.93
CA ILE B 316 -10.55 -1.44 -29.07
C ILE B 316 -10.92 -2.64 -28.19
N CYS B 317 -11.88 -2.45 -27.28
CA CYS B 317 -12.31 -3.54 -26.39
C CYS B 317 -13.74 -3.35 -25.91
N ARG B 318 -14.50 -4.45 -25.92
CA ARG B 318 -15.88 -4.48 -25.44
C ARG B 318 -15.90 -5.71 -24.58
N SER B 319 -16.04 -5.52 -23.27
CA SER B 319 -16.02 -6.65 -22.35
C SER B 319 -17.15 -6.53 -21.33
N ASN B 320 -17.13 -7.39 -20.33
CA ASN B 320 -18.18 -7.38 -19.29
C ASN B 320 -17.63 -7.94 -17.99
N PHE B 321 -18.00 -7.31 -16.87
CA PHE B 321 -17.56 -7.74 -15.55
C PHE B 321 -18.09 -9.12 -15.15
N LYS B 322 -19.14 -9.58 -15.82
CA LYS B 322 -19.73 -10.87 -15.51
C LYS B 322 -18.84 -12.08 -15.85
N HIS B 323 -17.70 -11.83 -16.49
CA HIS B 323 -16.79 -12.93 -16.86
C HIS B 323 -15.91 -13.40 -15.71
N MSE B 324 -15.73 -12.55 -14.71
CA MSE B 324 -14.88 -12.83 -13.57
C MSE B 324 -15.13 -14.17 -12.89
O MSE B 324 -16.27 -14.51 -12.54
CB MSE B 324 -14.98 -11.68 -12.55
CG MSE B 324 -14.63 -10.31 -13.12
SE MSE B 324 -13.01 -10.24 -14.02
CE MSE B 324 -11.88 -10.25 -12.58
N TYR B 325 -14.05 -14.93 -12.68
CA TYR B 325 -14.11 -16.26 -12.07
C TYR B 325 -14.28 -16.25 -10.54
N TRP B 326 -13.60 -15.33 -9.88
CA TRP B 326 -13.68 -15.17 -8.43
C TRP B 326 -14.49 -13.91 -8.15
N THR B 327 -15.41 -13.98 -7.20
CA THR B 327 -16.26 -12.83 -6.87
C THR B 327 -15.59 -11.88 -5.88
N MSE B 328 -16.16 -10.70 -5.72
CA MSE B 328 -15.65 -9.70 -4.78
C MSE B 328 -15.77 -10.25 -3.35
O MSE B 328 -14.97 -9.92 -2.48
CB MSE B 328 -16.44 -8.39 -4.91
CG MSE B 328 -16.24 -7.64 -6.24
SE MSE B 328 -17.12 -6.04 -6.25
CE MSE B 328 -18.69 -6.55 -7.12
N LEU B 329 -16.78 -11.11 -3.12
CA LEU B 329 -16.95 -11.70 -1.80
C LEU B 329 -15.79 -12.65 -1.50
N GLN B 330 -15.42 -13.47 -2.46
CA GLN B 330 -14.32 -14.41 -2.28
C GLN B 330 -12.99 -13.66 -2.14
N GLN B 331 -12.84 -12.56 -2.86
CA GLN B 331 -11.64 -11.74 -2.80
C GLN B 331 -11.46 -11.08 -1.45
N LEU B 332 -12.53 -10.46 -0.94
CA LEU B 332 -12.48 -9.78 0.37
C LEU B 332 -12.26 -10.81 1.49
N THR B 333 -12.95 -11.95 1.40
CA THR B 333 -12.80 -13.02 2.40
C THR B 333 -11.36 -13.54 2.42
N HIS B 334 -10.82 -13.81 1.24
CA HIS B 334 -9.47 -14.31 1.11
C HIS B 334 -8.47 -13.29 1.63
N HIS B 335 -8.72 -12.02 1.31
CA HIS B 335 -7.84 -10.94 1.75
C HIS B 335 -7.74 -10.82 3.28
N SER B 336 -8.77 -11.26 4.00
CA SER B 336 -8.75 -11.15 5.45
C SER B 336 -8.67 -12.48 6.20
N VAL B 337 -8.59 -13.59 5.46
CA VAL B 337 -8.54 -14.91 6.09
C VAL B 337 -7.37 -15.10 7.07
N ASN B 338 -6.26 -14.42 6.80
CA ASN B 338 -5.06 -14.50 7.63
C ASN B 338 -5.06 -13.49 8.77
N GLY B 339 -6.11 -12.66 8.85
CA GLY B 339 -6.17 -11.67 9.89
C GLY B 339 -5.82 -10.27 9.43
N CYS B 340 -5.42 -10.12 8.18
CA CYS B 340 -5.09 -8.80 7.64
C CYS B 340 -6.31 -7.88 7.81
N ASN B 341 -6.05 -6.66 8.29
CA ASN B 341 -7.10 -5.68 8.54
C ASN B 341 -7.42 -4.72 7.40
N LEU B 342 -8.52 -5.00 6.69
CA LEU B 342 -8.98 -4.13 5.62
C LEU B 342 -9.52 -2.88 6.34
N ARG B 343 -9.39 -1.72 5.71
CA ARG B 343 -9.84 -0.46 6.33
C ARG B 343 -10.69 0.34 5.36
N PRO B 344 -11.57 1.22 5.86
CA PRO B 344 -12.43 2.04 5.00
C PRO B 344 -11.61 2.80 3.97
N GLY B 345 -12.05 2.78 2.73
CA GLY B 345 -11.29 3.47 1.69
C GLY B 345 -10.31 2.57 0.94
N ASP B 346 -10.01 1.38 1.47
CA ASP B 346 -9.11 0.45 0.76
C ASP B 346 -9.74 0.13 -0.59
N LEU B 347 -8.90 -0.14 -1.58
CA LEU B 347 -9.40 -0.42 -2.92
C LEU B 347 -8.94 -1.79 -3.41
N LEU B 348 -9.89 -2.67 -3.72
CA LEU B 348 -9.57 -3.99 -4.22
C LEU B 348 -10.02 -4.12 -5.68
N ALA B 349 -9.04 -4.22 -6.58
CA ALA B 349 -9.29 -4.34 -8.01
C ALA B 349 -9.40 -5.78 -8.50
N SER B 350 -10.12 -5.95 -9.60
CA SER B 350 -10.40 -7.25 -10.20
C SER B 350 -9.27 -7.94 -10.94
N GLY B 351 -8.38 -7.14 -11.52
CA GLY B 351 -7.32 -7.68 -12.35
C GLY B 351 -7.86 -7.42 -13.76
N THR B 352 -7.01 -7.49 -14.77
CA THR B 352 -7.45 -7.26 -16.15
C THR B 352 -8.69 -8.10 -16.52
N ILE B 353 -9.70 -7.45 -17.07
CA ILE B 353 -10.94 -8.11 -17.47
C ILE B 353 -10.91 -8.55 -18.93
N SER B 354 -10.83 -9.87 -19.15
CA SER B 354 -10.81 -10.44 -20.48
C SER B 354 -11.84 -11.57 -20.58
N GLY B 355 -12.63 -11.54 -21.65
CA GLY B 355 -13.63 -12.57 -21.89
C GLY B 355 -12.99 -13.53 -22.88
N SER B 356 -13.73 -14.55 -23.33
CA SER B 356 -13.16 -15.52 -24.27
C SER B 356 -12.99 -14.98 -25.69
N ASP B 357 -13.88 -14.10 -26.12
CA ASP B 357 -13.82 -13.52 -27.47
C ASP B 357 -12.65 -12.52 -27.51
N PRO B 358 -11.78 -12.62 -28.53
CA PRO B 358 -10.64 -11.70 -28.64
C PRO B 358 -11.03 -10.23 -28.57
N GLU B 359 -12.26 -9.92 -28.97
CA GLU B 359 -12.78 -8.55 -28.94
C GLU B 359 -12.93 -8.03 -27.51
N SER B 360 -12.96 -8.95 -26.55
CA SER B 360 -13.13 -8.61 -25.15
C SER B 360 -11.86 -8.71 -24.31
N PHE B 361 -10.71 -8.86 -24.95
CA PHE B 361 -9.45 -8.95 -24.19
C PHE B 361 -9.18 -7.56 -23.61
N GLY B 362 -8.89 -7.50 -22.30
CA GLY B 362 -8.69 -6.24 -21.63
C GLY B 362 -7.34 -5.53 -21.59
N SER B 363 -6.44 -5.86 -22.50
CA SER B 363 -5.11 -5.21 -22.53
C SER B 363 -4.59 -5.31 -23.96
N MSE B 364 -3.79 -4.32 -24.36
CA MSE B 364 -3.20 -4.31 -25.70
C MSE B 364 -2.17 -5.42 -25.84
O MSE B 364 -1.89 -5.88 -26.94
CB MSE B 364 -2.61 -2.93 -25.98
CG MSE B 364 -3.69 -1.82 -26.01
SE MSE B 364 -3.09 -0.11 -26.10
CE MSE B 364 -2.63 -0.04 -27.91
N LEU B 365 -1.65 -5.91 -24.71
CA LEU B 365 -0.71 -7.02 -24.73
C LEU B 365 -1.46 -8.22 -25.34
N GLU B 366 -2.71 -8.40 -24.91
CA GLU B 366 -3.55 -9.48 -25.40
C GLU B 366 -4.11 -9.19 -26.79
N LEU B 367 -4.63 -7.97 -26.98
CA LEU B 367 -5.23 -7.57 -28.25
C LEU B 367 -4.26 -7.60 -29.43
N SER B 368 -3.00 -7.23 -29.20
CA SER B 368 -1.99 -7.25 -30.26
C SER B 368 -1.22 -8.55 -30.18
N TRP B 369 -1.61 -9.38 -29.22
CA TRP B 369 -0.98 -10.67 -28.93
C TRP B 369 0.53 -10.57 -28.88
N LYS B 370 1.02 -9.78 -27.94
CA LYS B 370 2.46 -9.59 -27.73
C LYS B 370 3.12 -8.88 -28.91
N GLY B 371 2.39 -7.99 -29.56
CA GLY B 371 2.92 -7.24 -30.68
C GLY B 371 3.05 -8.02 -31.98
N THR B 372 2.33 -9.12 -32.10
CA THR B 372 2.38 -9.94 -33.31
C THR B 372 1.19 -9.65 -34.24
N LYS B 373 0.18 -8.96 -33.71
CA LYS B 373 -1.01 -8.59 -34.47
C LYS B 373 -1.24 -7.10 -34.36
N ALA B 374 -1.67 -6.46 -35.43
CA ALA B 374 -1.93 -5.03 -35.40
C ALA B 374 -3.34 -4.81 -34.92
N ILE B 375 -3.51 -3.81 -34.06
CA ILE B 375 -4.82 -3.47 -33.56
C ILE B 375 -5.31 -2.37 -34.50
N ASP B 376 -6.48 -2.58 -35.07
CA ASP B 376 -7.07 -1.63 -36.00
C ASP B 376 -7.69 -0.49 -35.20
N VAL B 377 -7.21 0.73 -35.41
CA VAL B 377 -7.75 1.89 -34.72
C VAL B 377 -8.40 2.90 -35.66
N GLY B 378 -8.78 2.44 -36.84
CA GLY B 378 -9.42 3.32 -37.81
C GLY B 378 -8.48 3.70 -38.92
N GLN B 379 -8.75 3.16 -40.11
CA GLN B 379 -7.95 3.35 -41.32
C GLN B 379 -6.77 4.29 -41.34
N GLY B 380 -5.67 3.76 -41.86
CA GLY B 380 -4.42 4.51 -41.94
C GLY B 380 -3.69 4.42 -40.61
N GLN B 381 -4.36 3.88 -39.59
CA GLN B 381 -3.74 3.81 -38.28
C GLN B 381 -3.95 2.46 -37.56
N THR B 382 -2.87 1.95 -36.95
CA THR B 382 -2.85 0.70 -36.20
C THR B 382 -2.04 0.92 -34.92
N ARG B 383 -2.02 -0.08 -34.03
CA ARG B 383 -1.28 -0.02 -32.77
C ARG B 383 -0.95 -1.43 -32.28
N THR B 384 0.11 -1.53 -31.49
CA THR B 384 0.47 -2.79 -30.82
C THR B 384 0.39 -2.34 -29.37
N PHE B 385 1.19 -1.33 -29.03
CA PHE B 385 1.22 -0.76 -27.70
C PHE B 385 0.96 0.73 -27.78
N LEU B 386 0.87 1.40 -26.63
CA LEU B 386 0.59 2.83 -26.58
C LEU B 386 1.67 3.77 -27.11
N LEU B 387 1.26 4.77 -27.87
CA LEU B 387 2.17 5.77 -28.41
C LEU B 387 1.97 7.04 -27.60
N ASP B 388 2.98 7.91 -27.61
CA ASP B 388 2.88 9.17 -26.89
C ASP B 388 1.71 9.95 -27.49
N GLY B 389 0.91 10.59 -26.63
CA GLY B 389 -0.22 11.36 -27.10
C GLY B 389 -1.53 10.58 -27.15
N ASP B 390 -1.45 9.27 -27.04
CA ASP B 390 -2.65 8.43 -27.07
C ASP B 390 -3.47 8.64 -25.82
N GLU B 391 -4.78 8.70 -25.99
CA GLU B 391 -5.68 8.85 -24.87
C GLU B 391 -6.54 7.60 -24.79
N VAL B 392 -6.58 6.99 -23.62
CA VAL B 392 -7.36 5.78 -23.37
C VAL B 392 -8.50 6.15 -22.45
N ILE B 393 -9.71 5.79 -22.83
CA ILE B 393 -10.89 6.07 -22.02
C ILE B 393 -11.70 4.79 -21.79
N ILE B 394 -11.90 4.46 -20.53
CA ILE B 394 -12.68 3.31 -20.16
C ILE B 394 -14.04 3.81 -19.68
N THR B 395 -15.11 3.17 -20.14
CA THR B 395 -16.47 3.49 -19.74
C THR B 395 -17.18 2.18 -19.40
N GLY B 396 -18.27 2.28 -18.65
CA GLY B 396 -19.01 1.09 -18.29
C GLY B 396 -20.43 1.45 -17.89
N HIS B 397 -21.34 0.51 -18.04
CA HIS B 397 -22.73 0.75 -17.68
C HIS B 397 -23.53 -0.53 -17.62
N CYS B 398 -24.59 -0.49 -16.82
CA CYS B 398 -25.54 -1.58 -16.66
C CYS B 398 -26.76 -1.06 -17.40
N GLN B 399 -27.42 -1.91 -18.17
CA GLN B 399 -28.57 -1.49 -18.93
C GLN B 399 -29.88 -1.99 -18.34
N GLY B 400 -30.73 -1.07 -17.95
CA GLY B 400 -32.04 -1.40 -17.41
C GLY B 400 -33.06 -0.97 -18.45
N ASP B 401 -34.34 -1.11 -18.13
CA ASP B 401 -35.37 -0.71 -19.09
C ASP B 401 -35.64 0.79 -19.00
N GLY B 402 -35.21 1.53 -20.01
CA GLY B 402 -35.41 2.97 -20.05
C GLY B 402 -34.42 3.76 -19.22
N TYR B 403 -33.39 3.09 -18.72
CA TYR B 403 -32.37 3.76 -17.91
C TYR B 403 -31.10 2.91 -17.85
N ARG B 404 -30.00 3.54 -17.48
CA ARG B 404 -28.74 2.83 -17.35
C ARG B 404 -28.00 3.35 -16.12
N VAL B 405 -27.20 2.48 -15.51
CA VAL B 405 -26.37 2.85 -14.37
C VAL B 405 -24.96 2.89 -14.92
N GLY B 406 -24.48 4.11 -15.20
CA GLY B 406 -23.15 4.31 -15.75
C GLY B 406 -22.10 4.77 -14.76
N PHE B 407 -20.85 4.75 -15.20
CA PHE B 407 -19.74 5.12 -14.32
C PHE B 407 -18.99 6.39 -14.69
N GLY B 408 -19.36 7.06 -15.78
CA GLY B 408 -18.60 8.23 -16.18
C GLY B 408 -17.33 7.73 -16.85
N GLN B 409 -16.32 8.58 -16.99
CA GLN B 409 -15.08 8.18 -17.65
C GLN B 409 -13.95 7.81 -16.72
N CYS B 410 -13.03 7.00 -17.25
CA CYS B 410 -11.79 6.62 -16.57
C CYS B 410 -10.78 6.88 -17.70
N ALA B 411 -10.34 8.13 -17.80
CA ALA B 411 -9.45 8.57 -18.87
C ALA B 411 -8.04 8.99 -18.46
N GLY B 412 -7.15 8.97 -19.45
CA GLY B 412 -5.77 9.37 -19.25
C GLY B 412 -5.06 9.48 -20.59
N LYS B 413 -4.16 10.45 -20.72
CA LYS B 413 -3.40 10.64 -21.95
C LYS B 413 -1.90 10.42 -21.68
N VAL B 414 -1.23 9.72 -22.58
CA VAL B 414 0.20 9.43 -22.41
C VAL B 414 1.09 10.60 -22.77
N LEU B 415 1.97 11.00 -21.84
CA LEU B 415 2.92 12.07 -22.07
C LEU B 415 4.26 11.43 -22.43
N PRO B 416 5.09 12.13 -23.22
CA PRO B 416 6.41 11.59 -23.60
C PRO B 416 7.29 11.38 -22.37
N ALA B 417 8.20 10.41 -22.44
CA ALA B 417 9.11 10.15 -21.33
C ALA B 417 10.04 11.35 -21.20
N LEU B 418 10.67 11.49 -20.05
CA LEU B 418 11.59 12.60 -19.83
C LEU B 418 12.89 12.44 -20.61
N SER B 419 13.12 11.22 -21.10
CA SER B 419 14.31 10.80 -21.84
C SER B 419 15.19 11.83 -22.54
N PRO B 420 14.65 12.70 -23.27
CA CA C . 10.55 -9.55 4.22
C ACT D . 9.77 -11.77 1.76
O ACT D . 10.17 -11.75 0.56
OXT ACT D . 9.53 -10.76 2.43
CH3 ACT D . 9.58 -13.14 2.41
C ACT E . 13.16 -16.19 -3.94
O ACT E . 13.06 -16.91 -4.97
OXT ACT E . 14.23 -15.73 -3.53
CH3 ACT E . 11.87 -15.87 -3.19
CA CA F . -3.45 -5.31 -13.18
NI NI G . -41.45 2.21 -11.98
C ACT H . -0.64 -7.09 -13.26
O ACT H . 0.06 -6.76 -14.28
OXT ACT H . -1.33 -6.30 -12.61
CH3 ACT H . -0.59 -8.56 -12.82
C ACT I . 1.66 -15.11 -15.13
O ACT I . 2.44 -16.07 -15.36
OXT ACT I . 0.42 -15.20 -15.13
CH3 ACT I . 2.32 -13.74 -14.84
#